data_5IZ3
#
_entry.id   5IZ3
#
_cell.length_a   45.180
_cell.length_b   70.417
_cell.length_c   197.245
_cell.angle_alpha   90.00
_cell.angle_beta   90.00
_cell.angle_gamma   90.00
#
_symmetry.space_group_name_H-M   'P 2 2 21'
#
loop_
_entity.id
_entity.type
_entity.pdbx_description
1 polymer sedoheptulose-1,7-bisphosphatase
2 polymer 'Predicted protein'
3 non-polymer IMIDAZOLE
4 non-polymer 'PHOSPHATE ION'
5 water water
#
loop_
_entity_poly.entity_id
_entity_poly.type
_entity_poly.pdbx_seq_one_letter_code
_entity_poly.pdbx_strand_id
1 'polypeptide(L)'
;ELGDSLEEFLAKATTDKNLARLLVCMGEALRTIAFKVRTASCGATACVNTFGDEQLAVDMLADKLLFEALRHSHVCKYAC
SEEEPILQDMEGEGFSVAFDPLDGSSIVDTNFTVGTIFGVWPGDKLTGITGRDQAASAMGIYGPRTTYVVAINGFPGTHE
FLLMDDGKWQHVKETTEIKEGKLFSPGNLRATFDNADYEKLINYYVSEKYTLRYTGGMVPDVNQIIVKERGIFTNVTSPT
TKAKLRLLFEVAPLGLLIENAGGYSSDGKQSVLDKVVVNTDDRTQVAYGSRDEIIRFEETLYGDSRLKAELAAATV
;
A
2 'polypeptide(L)'
;ELGDSLEEFLAKATTDKNLARLLVCMGEALRTIAFKVRTASCGATACTNTFGDEQLAVDMLADKLLFEALRHSHVCKYAC
SEEEPILQDMEGEGFSVAFDPLDGSSIVDTNFTVGTIFGVWPGDKLTGITGRDQAASAMGIYGPRTTYVVAINGFPGTHE
FLLMDDGKWQHVKETTEIKEGKLFSPGNLRATFDNADYEKLINYYVSEKYTLRYTGGMVPDVNQIIVKERGIFTNVTSPT
TKAKLRLLFEVAPLGLLIENAGGYSSDGKQSVLDKVVVNTDDRTQVAYGSRDEIIRFEETLYGDSRLKAELAATVV
;
B
#
# COMPACT_ATOMS: atom_id res chain seq x y z
N GLU A 1 -9.39 21.40 18.28
CA GLU A 1 -8.18 22.01 17.65
C GLU A 1 -7.40 21.00 16.82
N LEU A 2 -7.06 21.44 15.60
CA LEU A 2 -6.02 20.77 14.77
C LEU A 2 -4.84 21.66 14.55
N GLY A 3 -3.72 21.13 14.06
CA GLY A 3 -2.55 21.86 13.79
C GLY A 3 -1.62 21.99 14.96
N ASP A 4 -2.04 21.54 16.13
CA ASP A 4 -1.18 21.46 17.26
C ASP A 4 -0.14 20.37 17.20
N SER A 5 0.93 20.50 17.94
CA SER A 5 1.97 19.47 18.00
C SER A 5 1.51 18.29 18.84
N LEU A 6 2.17 17.15 18.71
CA LEU A 6 1.84 16.00 19.53
C LEU A 6 1.95 16.42 21.01
N GLU A 7 3.00 17.13 21.41
CA GLU A 7 3.14 17.51 22.84
C GLU A 7 1.98 18.36 23.26
N GLU A 8 1.59 19.35 22.48
CA GLU A 8 0.42 20.18 22.83
C GLU A 8 -0.82 19.38 22.91
N PHE A 9 -1.09 18.48 21.95
CA PHE A 9 -2.23 17.65 22.01
C PHE A 9 -2.25 16.82 23.30
N LEU A 10 -1.16 16.17 23.62
CA LEU A 10 -1.19 15.27 24.78
C LEU A 10 -1.45 16.02 26.06
N ALA A 11 -1.02 17.24 26.13
CA ALA A 11 -1.32 18.07 27.35
C ALA A 11 -2.78 18.28 27.43
N LYS A 12 -3.53 18.43 26.36
CA LYS A 12 -4.99 18.50 26.38
C LYS A 12 -5.70 17.19 26.58
N ALA A 13 -5.15 16.10 26.12
CA ALA A 13 -5.81 14.88 26.10
C ALA A 13 -5.79 14.05 27.39
N THR A 14 -4.77 14.34 28.18
CA THR A 14 -4.57 13.56 29.42
C THR A 14 -3.88 14.39 30.45
N THR A 15 -4.25 14.17 31.72
CA THR A 15 -3.53 14.73 32.83
C THR A 15 -2.32 13.89 33.17
N ASP A 16 -2.18 12.70 32.57
CA ASP A 16 -1.11 11.80 32.92
C ASP A 16 0.19 12.13 32.13
N LYS A 17 1.06 12.89 32.75
N LYS A 17 1.02 12.95 32.72
CA LYS A 17 2.30 13.37 32.12
CA LYS A 17 2.23 13.39 32.04
C LYS A 17 3.20 12.23 31.84
C LYS A 17 3.18 12.24 31.82
N ASN A 18 3.13 11.15 32.57
CA ASN A 18 3.96 10.02 32.30
C ASN A 18 3.53 9.28 31.04
N LEU A 19 2.26 9.13 30.83
CA LEU A 19 1.73 8.53 29.57
C LEU A 19 2.13 9.44 28.41
N ALA A 20 2.02 10.76 28.55
CA ALA A 20 2.40 11.69 27.46
C ALA A 20 3.84 11.48 27.21
N ARG A 21 4.70 11.39 28.20
CA ARG A 21 6.18 11.23 27.97
C ARG A 21 6.42 9.96 27.23
N LEU A 22 5.79 8.85 27.53
CA LEU A 22 5.98 7.60 26.85
C LEU A 22 5.57 7.75 25.36
N LEU A 23 4.45 8.38 25.06
CA LEU A 23 3.97 8.48 23.68
C LEU A 23 4.91 9.41 22.93
N VAL A 24 5.49 10.47 23.50
CA VAL A 24 6.49 11.34 22.81
C VAL A 24 7.69 10.48 22.54
N CYS A 25 8.20 9.74 23.52
CA CYS A 25 9.37 8.87 23.28
C CYS A 25 9.13 7.93 22.17
N MET A 26 7.97 7.26 22.10
CA MET A 26 7.70 6.29 21.07
C MET A 26 7.65 7.03 19.70
N GLY A 27 7.12 8.26 19.66
CA GLY A 27 7.13 9.09 18.41
C GLY A 27 8.55 9.32 17.90
N GLU A 28 9.55 9.46 18.76
N GLU A 28 9.54 9.48 18.77
CA GLU A 28 10.94 9.59 18.27
CA GLU A 28 10.92 9.62 18.33
C GLU A 28 11.44 8.31 17.64
C GLU A 28 11.38 8.35 17.64
N ALA A 29 11.05 7.18 18.19
CA ALA A 29 11.43 5.94 17.58
C ALA A 29 10.79 5.78 16.22
N LEU A 30 9.51 6.13 16.09
CA LEU A 30 8.83 6.06 14.85
C LEU A 30 9.41 6.94 13.78
N ARG A 31 9.87 8.11 14.17
CA ARG A 31 10.51 9.03 13.22
C ARG A 31 11.81 8.38 12.69
N THR A 32 12.59 7.81 13.61
CA THR A 32 13.82 7.15 13.20
C THR A 32 13.56 5.93 12.36
N ILE A 33 12.55 5.11 12.64
CA ILE A 33 12.21 3.99 11.85
C ILE A 33 11.82 4.38 10.43
N ALA A 34 11.06 5.46 10.31
CA ALA A 34 10.63 5.86 8.99
C ALA A 34 11.84 6.18 8.08
N PHE A 35 12.85 6.86 8.66
CA PHE A 35 14.05 7.15 7.89
C PHE A 35 14.88 5.90 7.63
N LYS A 36 14.93 4.98 8.56
CA LYS A 36 15.68 3.73 8.25
C LYS A 36 15.05 2.89 7.20
N VAL A 37 13.72 2.89 7.12
CA VAL A 37 13.03 2.17 6.07
C VAL A 37 13.23 2.90 4.69
N ARG A 38 13.20 4.24 4.74
CA ARG A 38 13.29 5.04 3.50
C ARG A 38 14.52 4.78 2.73
N THR A 39 15.63 4.54 3.38
CA THR A 39 16.81 4.18 2.50
C THR A 39 17.46 2.92 2.93
N ALA A 40 16.66 1.99 3.40
CA ALA A 40 17.16 0.62 3.60
C ALA A 40 17.72 0.04 2.29
N SER A 41 18.65 -0.91 2.42
N SER A 41 18.58 -0.95 2.41
CA SER A 41 19.17 -1.71 1.31
CA SER A 41 19.09 -1.65 1.26
C SER A 41 18.41 -3.01 1.22
C SER A 41 18.43 -2.99 1.20
N CYS A 42 17.69 -3.25 0.15
CA CYS A 42 16.89 -4.40 -0.02
C CYS A 42 17.58 -5.41 -0.94
N GLY A 43 17.69 -6.60 -0.46
CA GLY A 43 18.43 -7.68 -1.15
C GLY A 43 17.48 -8.82 -1.34
N ALA A 44 18.08 -9.96 -1.71
CA ALA A 44 17.33 -11.18 -1.99
C ALA A 44 16.50 -11.58 -0.79
N THR A 45 17.13 -11.46 0.38
CA THR A 45 16.58 -12.07 1.58
C THR A 45 16.06 -11.12 2.65
N ALA A 46 16.46 -9.84 2.63
CA ALA A 46 16.08 -8.93 3.73
C ALA A 46 16.27 -7.50 3.24
N CYS A 47 15.65 -6.53 3.92
CA CYS A 47 15.94 -5.11 3.74
C CYS A 47 16.62 -4.69 5.01
N VAL A 48 17.78 -4.06 4.94
CA VAL A 48 18.64 -3.79 6.07
C VAL A 48 19.01 -2.35 6.21
N ASN A 49 19.37 -1.90 7.39
CA ASN A 49 19.97 -0.63 7.60
C ASN A 49 20.81 -0.80 8.92
N THR A 50 21.31 0.29 9.45
CA THR A 50 22.23 0.17 10.58
C THR A 50 21.63 0.70 11.86
N PHE A 51 22.03 0.09 12.98
CA PHE A 51 21.64 0.59 14.26
C PHE A 51 23.03 0.70 14.89
N GLY A 52 23.51 1.94 14.99
CA GLY A 52 24.77 2.19 15.61
C GLY A 52 25.80 1.64 14.68
N ASP A 53 26.61 0.70 15.16
CA ASP A 53 27.69 0.20 14.33
C ASP A 53 27.32 -1.13 13.72
N GLU A 54 26.03 -1.46 13.73
CA GLU A 54 25.64 -2.76 13.29
C GLU A 54 24.64 -2.69 12.14
N GLN A 55 24.55 -3.75 11.38
CA GLN A 55 23.63 -3.83 10.26
C GLN A 55 22.53 -4.80 10.63
N LEU A 56 21.26 -4.38 10.47
CA LEU A 56 20.18 -5.15 10.96
C LEU A 56 19.02 -5.13 9.94
N ALA A 57 18.26 -6.21 9.81
CA ALA A 57 17.03 -6.24 9.08
C ALA A 57 16.11 -5.19 9.70
N VAL A 58 15.32 -4.55 8.90
CA VAL A 58 14.57 -3.37 9.37
C VAL A 58 13.58 -3.67 10.52
N ASP A 59 13.02 -4.87 10.49
CA ASP A 59 12.15 -5.26 11.60
C ASP A 59 12.90 -5.35 12.94
N MET A 60 14.07 -5.94 12.91
N MET A 60 14.07 -5.94 12.91
CA MET A 60 14.92 -5.96 14.10
CA MET A 60 14.92 -5.94 14.11
C MET A 60 15.46 -4.62 14.53
C MET A 60 15.44 -4.61 14.53
N LEU A 61 15.73 -3.78 13.53
CA LEU A 61 16.15 -2.43 13.76
C LEU A 61 15.03 -1.66 14.55
N ALA A 62 13.85 -1.77 13.99
CA ALA A 62 12.65 -1.18 14.61
C ALA A 62 12.48 -1.70 16.05
N ASP A 63 12.60 -3.00 16.22
CA ASP A 63 12.50 -3.58 17.55
C ASP A 63 13.50 -2.89 18.50
N LYS A 64 14.80 -2.78 18.10
CA LYS A 64 15.74 -2.08 18.95
C LYS A 64 15.44 -0.68 19.32
N LEU A 65 14.96 0.06 18.29
CA LEU A 65 14.63 1.44 18.51
C LEU A 65 13.44 1.64 19.53
N LEU A 66 12.50 0.73 19.41
CA LEU A 66 11.29 0.77 20.28
C LEU A 66 11.66 0.38 21.73
N PHE A 67 12.46 -0.68 21.90
CA PHE A 67 12.92 -0.97 23.26
C PHE A 67 13.72 0.24 23.80
N GLU A 68 14.60 0.83 22.99
CA GLU A 68 15.39 1.96 23.45
C GLU A 68 14.50 3.16 23.88
N ALA A 69 13.43 3.45 23.12
CA ALA A 69 12.50 4.50 23.48
C ALA A 69 11.82 4.22 24.83
N LEU A 70 11.41 2.97 24.98
CA LEU A 70 10.71 2.56 26.26
C LEU A 70 11.62 2.65 27.44
N ARG A 71 12.86 2.25 27.28
CA ARG A 71 13.86 2.47 28.34
C ARG A 71 14.11 3.93 28.61
N HIS A 72 14.28 4.80 27.60
CA HIS A 72 14.54 6.22 27.75
C HIS A 72 13.36 6.92 28.39
N SER A 73 12.15 6.36 28.25
CA SER A 73 10.99 7.05 28.87
C SER A 73 11.03 7.03 30.39
N HIS A 74 11.68 5.99 30.93
CA HIS A 74 11.72 5.70 32.41
C HIS A 74 10.34 5.30 32.96
N VAL A 75 9.32 5.29 32.16
CA VAL A 75 7.91 4.98 32.60
C VAL A 75 7.37 3.64 32.21
N CYS A 76 8.23 2.76 31.68
CA CYS A 76 7.93 1.43 31.32
C CYS A 76 8.58 0.46 32.25
N LYS A 77 7.74 -0.44 32.79
CA LYS A 77 8.23 -1.58 33.51
C LYS A 77 8.54 -2.78 32.57
N TYR A 78 7.56 -3.41 31.93
CA TYR A 78 7.81 -4.49 31.00
C TYR A 78 7.44 -4.12 29.58
N ALA A 79 8.26 -4.56 28.63
CA ALA A 79 7.90 -4.47 27.20
C ALA A 79 8.02 -5.84 26.60
N CYS A 80 7.22 -6.15 25.56
CA CYS A 80 7.17 -7.43 24.90
C CYS A 80 7.06 -7.07 23.39
N SER A 81 7.88 -7.68 22.58
CA SER A 81 7.76 -7.56 21.17
C SER A 81 7.17 -8.83 20.55
N GLU A 82 6.47 -8.71 19.46
CA GLU A 82 5.94 -9.81 18.79
C GLU A 82 7.11 -10.73 18.28
N GLU A 83 8.32 -10.15 18.11
CA GLU A 83 9.51 -10.97 17.67
C GLU A 83 9.98 -11.97 18.69
N GLU A 84 9.93 -11.57 19.97
CA GLU A 84 10.48 -12.34 21.10
C GLU A 84 9.65 -11.85 22.27
N PRO A 85 8.67 -12.57 22.46
CA PRO A 85 7.58 -12.30 23.27
C PRO A 85 7.81 -12.61 24.74
N ILE A 86 9.05 -12.80 25.15
CA ILE A 86 9.45 -12.72 26.55
C ILE A 86 9.41 -11.30 27.08
N LEU A 87 8.98 -11.10 28.31
CA LEU A 87 8.85 -9.80 28.88
C LEU A 87 10.25 -9.32 29.20
N GLN A 88 10.62 -8.11 28.81
CA GLN A 88 11.86 -7.42 29.11
C GLN A 88 11.65 -6.28 30.06
N ASP A 89 12.48 -6.23 31.08
CA ASP A 89 12.42 -5.12 31.99
C ASP A 89 13.07 -3.87 31.45
N MET A 90 12.30 -2.80 31.23
CA MET A 90 12.78 -1.54 30.73
C MET A 90 13.19 -0.56 31.78
N GLU A 91 13.29 -1.05 33.03
CA GLU A 91 13.96 -0.31 34.13
C GLU A 91 13.23 0.98 34.54
N GLY A 92 11.93 1.03 34.26
CA GLY A 92 11.11 2.16 34.67
C GLY A 92 9.88 1.65 35.43
N GLU A 93 8.91 2.52 35.55
CA GLU A 93 7.65 2.17 36.25
C GLU A 93 6.52 2.98 35.65
N GLY A 94 5.34 2.37 35.59
CA GLY A 94 4.15 3.02 35.22
C GLY A 94 3.27 2.21 34.28
N PHE A 95 3.92 1.79 33.18
CA PHE A 95 3.20 1.13 32.10
C PHE A 95 3.93 -0.09 31.56
N SER A 96 3.23 -1.06 30.98
CA SER A 96 3.87 -2.09 30.24
C SER A 96 3.30 -1.98 28.78
N VAL A 97 4.15 -2.32 27.81
CA VAL A 97 3.89 -2.08 26.41
C VAL A 97 4.14 -3.32 25.58
N ALA A 98 3.21 -3.65 24.73
CA ALA A 98 3.38 -4.73 23.76
C ALA A 98 3.41 -4.10 22.37
N PHE A 99 4.29 -4.58 21.51
CA PHE A 99 4.41 -3.96 20.16
C PHE A 99 4.69 -5.01 19.12
N ASP A 100 4.25 -4.67 17.91
CA ASP A 100 4.63 -5.35 16.66
C ASP A 100 5.53 -4.35 15.92
N PRO A 101 6.84 -4.59 15.87
CA PRO A 101 7.75 -3.50 15.49
C PRO A 101 7.63 -3.08 14.04
N LEU A 102 7.37 -4.02 13.14
CA LEU A 102 7.29 -3.65 11.71
C LEU A 102 6.39 -4.57 10.90
N ASP A 103 5.10 -4.39 10.99
CA ASP A 103 4.14 -5.23 10.29
C ASP A 103 4.37 -4.92 8.81
N GLY A 104 4.48 -5.93 7.99
CA GLY A 104 4.83 -5.78 6.61
C GLY A 104 6.29 -5.79 6.25
N SER A 105 7.15 -6.03 7.19
CA SER A 105 8.62 -5.99 6.99
C SER A 105 9.00 -6.83 5.82
N SER A 106 8.33 -7.98 5.63
CA SER A 106 8.71 -8.84 4.49
C SER A 106 8.43 -8.26 3.13
N ILE A 107 7.66 -7.16 3.01
CA ILE A 107 7.29 -6.59 1.74
C ILE A 107 7.75 -5.12 1.64
N VAL A 108 8.63 -4.69 2.52
CA VAL A 108 9.31 -3.37 2.32
C VAL A 108 9.83 -3.25 0.91
N ASP A 109 10.51 -4.30 0.40
CA ASP A 109 11.04 -4.27 -0.95
C ASP A 109 10.02 -3.96 -1.99
N THR A 110 8.76 -4.35 -1.78
CA THR A 110 7.71 -4.03 -2.75
C THR A 110 7.25 -2.60 -2.68
N ASN A 111 7.68 -1.91 -1.63
CA ASN A 111 7.33 -0.47 -1.49
C ASN A 111 5.89 -0.27 -1.16
N PHE A 112 5.17 -1.24 -0.56
CA PHE A 112 3.85 -1.00 0.03
C PHE A 112 4.07 -0.45 1.47
N THR A 113 3.06 0.32 1.86
CA THR A 113 3.06 0.85 3.23
C THR A 113 3.23 -0.22 4.29
N VAL A 114 4.05 0.06 5.26
CA VAL A 114 4.27 -0.84 6.40
C VAL A 114 4.07 -0.05 7.66
N GLY A 115 4.13 -0.68 8.84
CA GLY A 115 3.82 0.07 10.09
C GLY A 115 4.25 -0.60 11.35
N THR A 116 4.12 0.11 12.41
CA THR A 116 4.38 -0.34 13.81
C THR A 116 3.09 -0.22 14.57
N ILE A 117 2.79 -1.22 15.41
N ILE A 117 2.78 -1.20 15.42
CA ILE A 117 1.61 -1.15 16.30
CA ILE A 117 1.61 -1.04 16.30
C ILE A 117 2.03 -1.34 17.73
C ILE A 117 2.01 -1.33 17.73
N PHE A 118 1.43 -0.55 18.66
CA PHE A 118 1.70 -0.80 20.08
C PHE A 118 0.51 -0.46 20.91
N GLY A 119 0.45 -1.21 22.05
CA GLY A 119 -0.57 -0.97 23.10
C GLY A 119 0.16 -0.70 24.40
N VAL A 120 -0.46 0.22 25.18
CA VAL A 120 0.09 0.70 26.46
C VAL A 120 -0.89 0.32 27.56
N TRP A 121 -0.44 -0.44 28.54
CA TRP A 121 -1.28 -0.80 29.71
C TRP A 121 -0.63 -0.18 30.94
N PRO A 122 -1.45 0.39 31.82
CA PRO A 122 -0.91 0.70 33.15
C PRO A 122 -0.53 -0.54 33.89
N GLY A 123 0.52 -0.42 34.65
CA GLY A 123 0.92 -1.54 35.50
C GLY A 123 2.00 -2.45 34.97
N ASP A 124 2.10 -3.67 35.44
CA ASP A 124 3.25 -4.53 35.25
C ASP A 124 2.94 -5.85 34.59
N LYS A 125 1.75 -5.98 33.96
CA LYS A 125 1.29 -7.23 33.36
C LYS A 125 0.95 -7.04 31.89
N LEU A 126 1.28 -8.05 31.10
CA LEU A 126 0.86 -8.12 29.71
C LEU A 126 0.13 -9.38 29.40
N THR A 127 -0.24 -10.11 30.48
CA THR A 127 -1.17 -11.24 30.40
C THR A 127 -2.15 -11.09 31.57
N GLY A 128 -3.30 -11.72 31.41
CA GLY A 128 -4.45 -11.58 32.30
C GLY A 128 -5.11 -10.23 32.22
N ILE A 129 -4.83 -9.51 31.15
CA ILE A 129 -5.35 -8.17 30.82
C ILE A 129 -6.22 -8.26 29.61
N THR A 130 -7.02 -7.23 29.41
CA THR A 130 -7.87 -7.07 28.20
C THR A 130 -7.50 -5.77 27.49
N GLY A 131 -7.86 -5.67 26.22
CA GLY A 131 -7.63 -4.45 25.47
C GLY A 131 -8.31 -3.23 26.02
N ARG A 132 -9.44 -3.44 26.72
CA ARG A 132 -10.20 -2.34 27.27
C ARG A 132 -9.39 -1.63 28.37
N ASP A 133 -8.45 -2.35 28.98
CA ASP A 133 -7.63 -1.83 30.04
C ASP A 133 -6.45 -0.94 29.59
N GLN A 134 -6.22 -0.89 28.26
CA GLN A 134 -5.15 -0.02 27.71
C GLN A 134 -5.35 1.42 28.15
N ALA A 135 -4.24 2.12 28.47
CA ALA A 135 -4.26 3.54 28.62
C ALA A 135 -4.28 4.25 27.26
N ALA A 136 -3.61 3.62 26.26
CA ALA A 136 -3.51 4.18 24.93
C ALA A 136 -3.08 3.09 23.99
N SER A 137 -3.31 3.33 22.69
CA SER A 137 -2.66 2.52 21.67
C SER A 137 -2.35 3.40 20.52
N ALA A 138 -1.48 2.88 19.63
CA ALA A 138 -1.02 3.76 18.54
C ALA A 138 -0.42 2.91 17.44
N MET A 139 -0.35 3.54 16.27
CA MET A 139 0.39 2.97 15.14
C MET A 139 1.27 4.02 14.50
N GLY A 140 2.43 3.57 14.02
CA GLY A 140 3.29 4.40 13.13
C GLY A 140 3.09 3.84 11.74
N ILE A 141 2.84 4.68 10.77
CA ILE A 141 2.52 4.31 9.42
C ILE A 141 3.57 4.86 8.45
N TYR A 142 4.29 3.97 7.83
CA TYR A 142 5.47 4.32 6.95
C TYR A 142 5.01 4.14 5.52
N GLY A 143 4.45 5.19 4.94
CA GLY A 143 3.99 5.22 3.58
C GLY A 143 4.70 6.39 2.82
N PRO A 144 4.03 6.85 1.77
CA PRO A 144 4.57 8.08 1.12
C PRO A 144 4.61 9.25 2.06
N ARG A 145 3.82 9.16 3.12
CA ARG A 145 3.82 10.08 4.31
C ARG A 145 4.23 9.29 5.50
N THR A 146 4.67 9.93 6.56
CA THR A 146 4.86 9.23 7.86
C THR A 146 3.82 9.75 8.81
N THR A 147 2.97 8.86 9.35
CA THR A 147 1.94 9.29 10.30
C THR A 147 2.06 8.46 11.59
N TYR A 148 1.50 9.06 12.62
CA TYR A 148 1.47 8.51 13.98
C TYR A 148 0.06 8.67 14.43
N VAL A 149 -0.66 7.55 14.62
CA VAL A 149 -2.11 7.54 14.89
C VAL A 149 -2.32 7.03 16.32
N VAL A 150 -3.00 7.86 17.13
CA VAL A 150 -3.04 7.66 18.58
C VAL A 150 -4.49 7.68 19.07
N ALA A 151 -4.75 6.74 20.01
CA ALA A 151 -6.04 6.78 20.79
C ALA A 151 -5.67 6.77 22.27
N ILE A 152 -6.18 7.78 23.01
CA ILE A 152 -6.02 7.83 24.47
C ILE A 152 -7.36 7.33 25.02
N ASN A 153 -7.30 6.24 25.76
CA ASN A 153 -8.55 5.66 26.30
C ASN A 153 -9.22 6.68 27.29
N GLY A 154 -10.47 6.99 27.05
CA GLY A 154 -11.14 7.94 27.94
C GLY A 154 -11.12 9.32 27.44
N PHE A 155 -10.50 9.58 26.27
CA PHE A 155 -10.49 10.90 25.65
C PHE A 155 -11.02 10.73 24.23
N PRO A 156 -11.94 11.55 23.72
CA PRO A 156 -12.61 11.25 22.43
C PRO A 156 -11.65 11.23 21.21
N GLY A 157 -11.98 10.30 20.34
CA GLY A 157 -11.40 10.26 18.97
C GLY A 157 -10.11 9.45 18.88
N THR A 158 -9.79 9.18 17.62
CA THR A 158 -8.49 8.67 17.19
C THR A 158 -7.82 9.72 16.34
N HIS A 159 -6.57 10.01 16.64
CA HIS A 159 -5.90 11.23 16.19
C HIS A 159 -4.71 10.92 15.33
N GLU A 160 -4.69 11.54 14.17
CA GLU A 160 -3.59 11.36 13.22
C GLU A 160 -2.66 12.53 13.30
N PHE A 161 -1.37 12.22 13.35
CA PHE A 161 -0.24 13.20 13.34
C PHE A 161 0.64 12.92 12.10
N LEU A 162 1.00 14.00 11.40
CA LEU A 162 1.84 13.96 10.23
C LEU A 162 3.23 14.39 10.65
N LEU A 163 4.24 13.61 10.16
CA LEU A 163 5.61 13.98 10.39
C LEU A 163 5.95 15.13 9.42
N MET A 164 6.42 16.24 9.99
CA MET A 164 6.79 17.38 9.17
C MET A 164 8.29 17.36 8.85
N ASP A 165 8.63 18.16 7.85
CA ASP A 165 10.02 18.23 7.39
C ASP A 165 10.99 18.55 8.52
N ASP A 166 10.60 19.39 9.47
CA ASP A 166 11.42 19.74 10.60
C ASP A 166 11.40 18.81 11.82
N GLY A 167 10.78 17.65 11.64
CA GLY A 167 10.83 16.68 12.69
C GLY A 167 9.63 16.63 13.63
N LYS A 168 8.74 17.61 13.52
CA LYS A 168 7.62 17.75 14.45
C LYS A 168 6.49 16.88 13.99
N TRP A 169 5.72 16.38 14.92
CA TRP A 169 4.46 15.66 14.63
C TRP A 169 3.30 16.63 14.72
N GLN A 170 2.57 16.87 13.66
CA GLN A 170 1.47 17.84 13.65
C GLN A 170 0.14 17.12 13.61
N HIS A 171 -0.79 17.54 14.47
CA HIS A 171 -2.16 16.96 14.51
C HIS A 171 -2.91 17.32 13.28
N VAL A 172 -3.31 16.38 12.46
CA VAL A 172 -3.92 16.65 11.17
C VAL A 172 -5.30 16.12 11.02
N LYS A 173 -5.75 15.20 11.87
CA LYS A 173 -7.12 14.62 11.71
C LYS A 173 -7.56 14.05 13.02
N GLU A 174 -8.86 14.13 13.31
CA GLU A 174 -9.49 13.40 14.39
C GLU A 174 -10.65 12.62 13.81
N THR A 175 -10.79 11.35 14.10
CA THR A 175 -11.92 10.56 13.68
C THR A 175 -12.69 10.16 14.93
N THR A 176 -14.02 10.43 14.86
CA THR A 176 -14.91 10.03 15.94
C THR A 176 -16.09 9.16 15.47
N GLU A 177 -16.34 9.01 14.24
CA GLU A 177 -17.38 8.13 13.73
C GLU A 177 -16.95 7.38 12.49
N ILE A 178 -17.24 6.13 12.41
CA ILE A 178 -17.04 5.33 11.19
C ILE A 178 -18.40 5.11 10.58
N LYS A 179 -18.61 5.57 9.39
CA LYS A 179 -19.89 5.53 8.69
C LYS A 179 -19.97 4.28 7.82
N GLU A 180 -21.12 4.05 7.22
CA GLU A 180 -21.31 2.95 6.36
C GLU A 180 -20.83 3.28 4.98
N GLY A 181 -20.07 2.38 4.37
CA GLY A 181 -19.59 2.55 3.03
C GLY A 181 -19.38 1.23 2.34
N LYS A 182 -18.69 1.27 1.18
CA LYS A 182 -18.56 0.10 0.31
C LYS A 182 -17.10 -0.27 0.03
N LEU A 183 -16.41 -0.50 1.11
CA LEU A 183 -14.96 -0.83 1.09
C LEU A 183 -14.79 -2.05 1.94
N PHE A 184 -13.99 -2.99 1.44
CA PHE A 184 -13.74 -4.20 2.21
C PHE A 184 -12.25 -4.53 2.04
N SER A 185 -11.76 -5.22 3.06
CA SER A 185 -10.34 -5.61 3.21
C SER A 185 -10.27 -7.00 3.76
N PRO A 186 -10.29 -8.03 2.90
CA PRO A 186 -10.53 -9.41 3.34
C PRO A 186 -9.26 -10.18 3.55
N GLY A 187 -8.93 -10.40 4.81
CA GLY A 187 -7.80 -11.18 5.18
C GLY A 187 -8.08 -12.68 5.11
N ASN A 188 -7.04 -13.43 4.82
CA ASN A 188 -7.12 -14.90 4.75
C ASN A 188 -8.28 -15.33 3.81
N LEU A 189 -8.33 -14.66 2.65
CA LEU A 189 -9.37 -14.97 1.64
C LEU A 189 -9.40 -16.45 1.28
N ARG A 190 -8.23 -17.08 1.34
CA ARG A 190 -8.16 -18.50 1.08
C ARG A 190 -9.14 -19.28 1.91
N ALA A 191 -9.48 -18.82 3.11
CA ALA A 191 -10.45 -19.52 3.99
C ALA A 191 -11.85 -19.69 3.43
N THR A 192 -12.19 -18.83 2.47
CA THR A 192 -13.51 -18.94 1.84
C THR A 192 -13.64 -20.27 1.13
N PHE A 193 -12.54 -20.86 0.74
CA PHE A 193 -12.67 -22.14 -0.02
C PHE A 193 -13.32 -23.21 0.81
N ASP A 194 -13.06 -23.27 2.10
CA ASP A 194 -13.69 -24.25 2.96
C ASP A 194 -14.43 -23.73 4.20
N ASN A 195 -14.78 -22.44 4.19
CA ASN A 195 -15.65 -21.85 5.17
C ASN A 195 -16.76 -21.19 4.38
N ALA A 196 -17.92 -21.85 4.27
CA ALA A 196 -18.98 -21.38 3.37
C ALA A 196 -19.59 -20.07 3.82
N ASP A 197 -19.57 -19.84 5.13
CA ASP A 197 -20.08 -18.62 5.75
C ASP A 197 -19.19 -17.37 5.42
N TYR A 198 -17.87 -17.55 5.43
CA TYR A 198 -16.97 -16.50 4.97
C TYR A 198 -17.17 -16.27 3.51
N GLU A 199 -17.30 -17.36 2.75
CA GLU A 199 -17.59 -17.19 1.33
C GLU A 199 -18.86 -16.39 1.09
N LYS A 200 -19.90 -16.67 1.83
CA LYS A 200 -21.15 -15.92 1.68
C LYS A 200 -20.94 -14.43 1.97
N LEU A 201 -20.14 -14.13 2.98
CA LEU A 201 -19.84 -12.70 3.29
C LEU A 201 -19.12 -12.00 2.15
N ILE A 202 -18.09 -12.66 1.62
CA ILE A 202 -17.31 -12.11 0.57
C ILE A 202 -18.15 -11.93 -0.68
N ASN A 203 -19.02 -12.91 -0.91
CA ASN A 203 -19.90 -12.81 -2.04
C ASN A 203 -20.86 -11.68 -1.96
N TYR A 204 -21.27 -11.32 -0.76
CA TYR A 204 -22.08 -10.14 -0.59
C TYR A 204 -21.37 -8.84 -0.97
N TYR A 205 -20.14 -8.71 -0.50
CA TYR A 205 -19.34 -7.55 -0.84
C TYR A 205 -19.14 -7.42 -2.37
N VAL A 206 -18.89 -8.53 -3.04
CA VAL A 206 -18.68 -8.53 -4.48
C VAL A 206 -20.01 -8.20 -5.21
N SER A 207 -21.09 -8.79 -4.75
CA SER A 207 -22.40 -8.52 -5.34
C SER A 207 -22.82 -7.05 -5.21
N GLU A 208 -22.38 -6.39 -4.14
CA GLU A 208 -22.72 -4.98 -3.91
C GLU A 208 -21.68 -3.99 -4.44
N LYS A 209 -20.72 -4.54 -5.21
CA LYS A 209 -19.77 -3.74 -5.98
C LYS A 209 -18.83 -2.92 -5.06
N TYR A 210 -18.54 -3.45 -3.86
CA TYR A 210 -17.59 -2.87 -2.98
C TYR A 210 -16.18 -2.78 -3.64
N THR A 211 -15.41 -1.81 -3.13
CA THR A 211 -14.05 -1.58 -3.49
C THR A 211 -13.19 -2.51 -2.58
N LEU A 212 -12.20 -3.11 -3.17
CA LEU A 212 -11.26 -4.00 -2.45
C LEU A 212 -9.97 -3.29 -2.21
N ARG A 213 -9.48 -3.09 -0.97
N ARG A 213 -9.47 -3.44 -0.98
CA ARG A 213 -8.07 -2.73 -0.72
CA ARG A 213 -8.31 -2.79 -0.54
C ARG A 213 -7.53 -3.52 0.44
C ARG A 213 -7.65 -3.71 0.49
N TYR A 214 -6.54 -4.34 0.13
CA TYR A 214 -5.95 -5.29 1.06
C TYR A 214 -4.50 -5.51 0.73
N THR A 215 -3.57 -5.29 1.65
CA THR A 215 -2.13 -5.50 1.46
C THR A 215 -1.56 -6.60 2.31
N GLY A 216 -2.32 -7.22 3.20
CA GLY A 216 -1.85 -8.18 4.08
C GLY A 216 -1.21 -7.60 5.31
N GLY A 217 -1.04 -6.27 5.38
CA GLY A 217 -0.42 -5.57 6.54
C GLY A 217 -1.57 -4.96 7.30
N MET A 218 -1.62 -5.31 8.57
N MET A 218 -1.63 -5.34 8.57
CA MET A 218 -2.68 -4.83 9.43
CA MET A 218 -2.67 -4.88 9.47
C MET A 218 -2.69 -3.37 9.62
C MET A 218 -2.69 -3.39 9.61
N VAL A 219 -1.54 -2.72 9.65
CA VAL A 219 -1.53 -1.26 9.76
C VAL A 219 -2.23 -0.62 8.67
N PRO A 220 -1.81 -0.68 7.45
CA PRO A 220 -2.47 0.06 6.47
C PRO A 220 -3.92 -0.40 6.30
N ASP A 221 -4.13 -1.72 6.38
CA ASP A 221 -5.42 -2.25 6.03
C ASP A 221 -6.53 -1.80 7.01
N VAL A 222 -6.15 -1.52 8.23
CA VAL A 222 -7.07 -0.99 9.27
C VAL A 222 -7.02 0.49 9.36
N ASN A 223 -5.85 1.11 9.18
CA ASN A 223 -5.78 2.59 9.08
C ASN A 223 -6.66 3.13 8.06
N GLN A 224 -6.83 2.50 6.91
CA GLN A 224 -7.69 3.05 5.89
C GLN A 224 -9.13 3.29 6.34
N ILE A 225 -9.59 2.44 7.27
CA ILE A 225 -10.92 2.59 7.85
C ILE A 225 -11.06 3.84 8.67
N ILE A 226 -10.03 4.15 9.47
CA ILE A 226 -9.97 5.31 10.29
C ILE A 226 -9.91 6.55 9.44
N VAL A 227 -9.10 6.51 8.38
CA VAL A 227 -8.95 7.69 7.50
C VAL A 227 -10.17 7.95 6.64
N LYS A 228 -10.68 6.89 6.00
CA LYS A 228 -11.87 7.05 5.12
C LYS A 228 -13.16 7.14 5.93
N GLU A 229 -13.11 6.76 7.20
CA GLU A 229 -14.26 6.73 8.10
C GLU A 229 -15.34 5.84 7.59
N ARG A 230 -14.98 4.68 7.04
CA ARG A 230 -15.92 3.68 6.54
C ARG A 230 -15.11 2.42 6.26
N GLY A 231 -15.76 1.30 6.08
CA GLY A 231 -15.14 0.09 5.65
C GLY A 231 -15.26 -1.07 6.61
N ILE A 232 -14.82 -2.21 6.17
CA ILE A 232 -14.77 -3.41 6.95
C ILE A 232 -13.54 -4.20 6.64
N PHE A 233 -12.73 -4.54 7.63
CA PHE A 233 -11.63 -5.45 7.58
C PHE A 233 -12.00 -6.77 8.23
N THR A 234 -11.71 -7.90 7.60
CA THR A 234 -11.98 -9.19 8.22
C THR A 234 -10.80 -10.10 8.15
N ASN A 235 -10.63 -11.01 9.10
CA ASN A 235 -9.67 -12.07 8.99
C ASN A 235 -10.25 -13.26 9.72
N VAL A 236 -10.63 -14.30 8.95
CA VAL A 236 -11.40 -15.39 9.44
C VAL A 236 -10.61 -16.68 9.16
N THR A 237 -10.76 -17.68 10.07
CA THR A 237 -10.08 -19.03 10.00
C THR A 237 -10.93 -20.03 9.24
N SER A 238 -10.30 -21.12 8.79
CA SER A 238 -11.10 -22.30 8.37
C SER A 238 -10.49 -23.50 9.07
N PRO A 239 -11.15 -24.67 8.97
CA PRO A 239 -10.55 -25.92 9.44
C PRO A 239 -9.05 -26.06 9.08
N THR A 240 -8.73 -25.77 7.82
CA THR A 240 -7.41 -25.99 7.24
C THR A 240 -6.43 -24.84 7.46
N THR A 241 -6.97 -23.65 7.71
CA THR A 241 -6.13 -22.48 8.00
C THR A 241 -6.15 -22.20 9.50
N LYS A 242 -5.14 -21.50 9.97
CA LYS A 242 -5.03 -21.18 11.37
C LYS A 242 -4.86 -19.65 11.57
N ALA A 243 -5.01 -19.19 12.81
CA ALA A 243 -5.05 -17.75 13.11
C ALA A 243 -3.68 -17.11 13.21
N LYS A 244 -3.32 -16.20 12.32
CA LYS A 244 -2.02 -15.57 12.37
C LYS A 244 -2.04 -14.37 13.33
N LEU A 245 -3.21 -13.77 13.56
CA LEU A 245 -3.16 -12.47 14.22
C LEU A 245 -3.11 -12.59 15.74
N ARG A 246 -2.17 -11.90 16.33
CA ARG A 246 -1.96 -11.95 17.78
C ARG A 246 -2.84 -10.94 18.49
N LEU A 247 -3.58 -11.38 19.51
CA LEU A 247 -4.37 -10.49 20.34
C LEU A 247 -3.61 -9.37 21.01
N LEU A 248 -2.51 -9.71 21.66
CA LEU A 248 -1.84 -8.75 22.50
C LEU A 248 -1.14 -7.68 21.64
N PHE A 249 -0.40 -8.10 20.63
CA PHE A 249 0.50 -7.16 19.89
C PHE A 249 -0.22 -6.39 18.85
N GLU A 250 -1.25 -6.95 18.27
CA GLU A 250 -1.91 -6.34 17.10
C GLU A 250 -3.41 -6.07 17.28
N VAL A 251 -4.16 -7.08 17.68
CA VAL A 251 -5.58 -7.01 17.62
C VAL A 251 -6.19 -6.12 18.70
N ALA A 252 -5.72 -6.22 19.93
CA ALA A 252 -6.19 -5.34 20.99
C ALA A 252 -5.84 -3.87 20.77
N PRO A 253 -4.53 -3.62 20.41
CA PRO A 253 -4.19 -2.18 20.14
C PRO A 253 -5.06 -1.58 19.06
N LEU A 254 -5.19 -2.33 17.92
CA LEU A 254 -6.02 -1.83 16.82
C LEU A 254 -7.47 -1.69 17.16
N GLY A 255 -7.93 -2.59 18.06
CA GLY A 255 -9.30 -2.49 18.56
C GLY A 255 -9.57 -1.19 19.27
N LEU A 256 -8.63 -0.71 20.05
CA LEU A 256 -8.81 0.56 20.72
C LEU A 256 -8.84 1.73 19.70
N LEU A 257 -7.92 1.66 18.72
CA LEU A 257 -7.87 2.70 17.69
C LEU A 257 -9.21 2.78 16.93
N ILE A 258 -9.77 1.61 16.58
CA ILE A 258 -11.01 1.55 15.88
C ILE A 258 -12.19 1.97 16.75
N GLU A 259 -12.24 1.50 17.99
CA GLU A 259 -13.39 1.85 18.80
C GLU A 259 -13.34 3.30 19.26
N ASN A 260 -12.18 3.88 19.51
CA ASN A 260 -12.06 5.28 19.81
C ASN A 260 -12.44 6.14 18.60
N ALA A 261 -12.35 5.60 17.39
CA ALA A 261 -12.75 6.25 16.16
C ALA A 261 -14.22 6.16 15.88
N GLY A 262 -14.96 5.53 16.79
CA GLY A 262 -16.44 5.29 16.53
C GLY A 262 -16.77 4.12 15.68
N GLY A 263 -15.81 3.19 15.52
CA GLY A 263 -16.05 1.96 14.90
C GLY A 263 -16.24 0.87 15.91
N TYR A 264 -16.40 -0.33 15.34
CA TYR A 264 -16.64 -1.53 16.10
C TYR A 264 -15.70 -2.60 15.76
N SER A 265 -15.41 -3.47 16.72
CA SER A 265 -14.58 -4.69 16.49
C SER A 265 -15.34 -5.95 16.87
N SER A 266 -14.89 -7.08 16.41
CA SER A 266 -15.53 -8.38 16.81
C SER A 266 -14.57 -9.47 16.60
N ASP A 267 -14.61 -10.47 17.48
CA ASP A 267 -14.07 -11.75 17.18
C ASP A 267 -15.15 -12.75 16.60
N GLY A 268 -16.34 -12.27 16.30
CA GLY A 268 -17.50 -13.14 15.95
C GLY A 268 -18.63 -13.00 16.95
N LYS A 269 -18.24 -12.78 18.21
CA LYS A 269 -19.15 -12.72 19.34
C LYS A 269 -19.10 -11.49 20.18
N GLN A 270 -17.88 -10.88 20.35
CA GLN A 270 -17.70 -9.83 21.31
C GLN A 270 -16.66 -8.81 20.77
N SER A 271 -16.60 -7.67 21.39
CA SER A 271 -15.54 -6.68 21.10
C SER A 271 -14.24 -7.41 21.36
N VAL A 272 -13.18 -7.13 20.52
CA VAL A 272 -11.92 -7.67 20.81
C VAL A 272 -11.28 -7.12 22.09
N LEU A 273 -11.82 -5.96 22.56
CA LEU A 273 -11.31 -5.32 23.74
C LEU A 273 -11.75 -6.06 25.05
N ASP A 274 -12.67 -7.04 24.92
CA ASP A 274 -13.08 -7.80 26.11
C ASP A 274 -12.43 -9.13 26.23
N LYS A 275 -11.57 -9.50 25.29
CA LYS A 275 -10.86 -10.74 25.36
C LYS A 275 -9.64 -10.70 26.26
N VAL A 276 -9.51 -11.63 27.19
CA VAL A 276 -8.35 -11.70 28.04
C VAL A 276 -7.18 -12.33 27.29
N VAL A 277 -6.02 -11.70 27.40
CA VAL A 277 -4.81 -12.30 26.92
C VAL A 277 -4.31 -13.30 27.97
N VAL A 278 -4.41 -14.56 27.64
CA VAL A 278 -3.99 -15.57 28.62
C VAL A 278 -2.50 -15.79 28.46
N ASN A 279 -2.06 -15.94 27.22
CA ASN A 279 -0.69 -16.08 26.87
C ASN A 279 -0.34 -15.06 25.76
N THR A 280 0.91 -14.59 25.78
CA THR A 280 1.32 -13.55 24.79
C THR A 280 1.17 -14.03 23.36
N ASP A 281 1.21 -15.34 23.07
CA ASP A 281 1.02 -15.80 21.67
C ASP A 281 -0.42 -16.04 21.27
N ASP A 282 -1.37 -15.71 22.12
CA ASP A 282 -2.79 -15.95 21.84
C ASP A 282 -3.21 -15.29 20.51
N ARG A 283 -3.92 -16.05 19.70
CA ARG A 283 -4.35 -15.64 18.34
C ARG A 283 -5.83 -15.48 18.31
N THR A 284 -6.35 -14.71 17.37
CA THR A 284 -7.76 -14.53 17.21
C THR A 284 -8.11 -14.12 15.78
N GLN A 285 -9.27 -14.51 15.36
CA GLN A 285 -9.85 -13.89 14.19
C GLN A 285 -10.43 -12.54 14.60
N VAL A 286 -10.74 -11.70 13.60
CA VAL A 286 -11.15 -10.35 13.91
C VAL A 286 -11.87 -9.73 12.73
N ALA A 287 -12.75 -8.83 13.07
CA ALA A 287 -13.24 -7.82 12.14
C ALA A 287 -13.22 -6.47 12.73
N TYR A 288 -12.96 -5.45 11.92
CA TYR A 288 -13.05 -4.06 12.30
C TYR A 288 -13.86 -3.31 11.36
N GLY A 289 -14.70 -2.38 11.78
CA GLY A 289 -15.40 -1.54 10.77
C GLY A 289 -16.62 -0.83 11.28
N SER A 290 -17.48 -0.43 10.36
CA SER A 290 -18.70 0.24 10.72
C SER A 290 -19.69 -0.71 11.36
N ARG A 291 -20.58 -0.08 12.13
CA ARG A 291 -21.62 -0.77 12.86
C ARG A 291 -22.34 -1.85 12.06
N ASP A 292 -22.89 -1.50 10.91
CA ASP A 292 -23.73 -2.41 10.16
C ASP A 292 -22.86 -3.51 9.57
N GLU A 293 -21.60 -3.22 9.22
CA GLU A 293 -20.77 -4.26 8.67
C GLU A 293 -20.31 -5.26 9.76
N ILE A 294 -20.08 -4.81 10.99
CA ILE A 294 -19.81 -5.70 12.07
C ILE A 294 -21.05 -6.58 12.38
N ILE A 295 -22.22 -5.96 12.39
CA ILE A 295 -23.44 -6.83 12.61
C ILE A 295 -23.50 -7.87 11.53
N ARG A 296 -23.23 -7.48 10.27
CA ARG A 296 -23.26 -8.43 9.16
C ARG A 296 -22.27 -9.55 9.32
N PHE A 297 -21.04 -9.21 9.73
CA PHE A 297 -20.03 -10.15 9.99
C PHE A 297 -20.51 -11.20 10.99
N GLU A 298 -21.02 -10.71 12.09
CA GLU A 298 -21.43 -11.57 13.20
C GLU A 298 -22.59 -12.45 12.79
N GLU A 299 -23.55 -11.85 12.09
CA GLU A 299 -24.79 -12.65 11.67
C GLU A 299 -24.42 -13.67 10.60
N THR A 300 -23.50 -13.32 9.72
CA THR A 300 -23.21 -14.19 8.59
C THR A 300 -22.35 -15.38 9.00
N LEU A 301 -21.38 -15.17 9.87
CA LEU A 301 -20.53 -16.20 10.39
C LEU A 301 -21.16 -17.05 11.50
N TYR A 302 -21.93 -16.44 12.38
CA TYR A 302 -22.38 -17.09 13.61
C TYR A 302 -23.88 -17.03 13.80
N GLY A 303 -24.60 -16.52 12.81
CA GLY A 303 -26.08 -16.60 12.81
C GLY A 303 -26.76 -15.50 13.59
N ASP A 304 -26.18 -15.17 14.74
CA ASP A 304 -26.76 -14.23 15.67
C ASP A 304 -25.70 -13.13 15.89
N SER A 305 -26.10 -11.86 15.90
CA SER A 305 -25.16 -10.80 16.25
C SER A 305 -25.34 -10.27 17.65
N ARG A 306 -24.35 -10.45 18.52
CA ARG A 306 -24.38 -9.82 19.84
C ARG A 306 -24.33 -8.31 19.84
N LEU A 307 -23.62 -7.72 18.89
CA LEU A 307 -23.66 -6.34 18.70
C LEU A 307 -25.10 -5.86 18.39
N LYS A 308 -25.76 -6.58 17.52
CA LYS A 308 -27.11 -6.11 17.20
C LYS A 308 -28.04 -6.16 18.43
N ALA A 309 -27.93 -7.25 19.15
CA ALA A 309 -28.76 -7.47 20.38
C ALA A 309 -28.40 -6.47 21.49
N GLU A 310 -27.12 -6.14 21.61
CA GLU A 310 -26.64 -5.09 22.50
C GLU A 310 -27.24 -3.70 22.20
N LEU A 311 -27.23 -3.34 20.92
CA LEU A 311 -27.82 -2.09 20.47
C LEU A 311 -29.37 -2.06 20.68
N ALA A 312 -30.02 -3.18 20.48
CA ALA A 312 -31.46 -3.21 20.59
C ALA A 312 -31.92 -3.05 22.05
N ALA A 313 -30.99 -3.00 23.01
CA ALA A 313 -31.29 -2.92 24.41
C ALA A 313 -30.90 -1.56 24.99
N ALA A 314 -30.07 -0.80 24.29
CA ALA A 314 -29.88 0.61 24.63
C ALA A 314 -30.96 1.47 23.97
N THR A 315 -31.83 0.80 23.23
CA THR A 315 -32.80 1.49 22.42
C THR A 315 -34.11 1.58 23.19
N VAL A 316 -34.39 0.46 23.85
CA VAL A 316 -35.65 0.09 24.50
C VAL A 316 -35.71 0.65 25.91
N GLU B 1 25.40 -4.96 -13.44
CA GLU B 1 26.04 -4.15 -12.36
C GLU B 1 25.00 -3.18 -11.72
N LEU B 2 25.12 -3.06 -10.40
CA LEU B 2 24.29 -2.22 -9.53
C LEU B 2 25.18 -1.19 -8.84
N GLY B 3 24.56 -0.22 -8.22
CA GLY B 3 25.12 0.93 -7.62
C GLY B 3 25.34 2.15 -8.40
N ASP B 4 25.20 2.02 -9.70
CA ASP B 4 25.40 3.17 -10.54
C ASP B 4 24.32 4.24 -10.41
N SER B 5 24.62 5.48 -10.73
CA SER B 5 23.61 6.55 -10.77
C SER B 5 22.68 6.30 -11.95
N LEU B 6 21.50 6.93 -11.95
CA LEU B 6 20.67 6.93 -13.14
C LEU B 6 21.44 7.33 -14.38
N GLU B 7 22.23 8.40 -14.31
CA GLU B 7 22.95 8.82 -15.53
C GLU B 7 23.96 7.80 -15.99
N GLU B 8 24.66 7.21 -15.03
CA GLU B 8 25.63 6.13 -15.43
C GLU B 8 24.90 4.97 -16.07
N PHE B 9 23.78 4.50 -15.51
CA PHE B 9 23.02 3.45 -16.10
C PHE B 9 22.59 3.85 -17.50
N LEU B 10 22.03 5.05 -17.66
CA LEU B 10 21.48 5.39 -18.96
C LEU B 10 22.59 5.40 -20.03
N ALA B 11 23.78 5.79 -19.65
CA ALA B 11 24.91 5.79 -20.66
C ALA B 11 25.19 4.35 -21.04
N LYS B 12 25.06 3.34 -20.21
CA LYS B 12 25.21 1.96 -20.59
C LYS B 12 24.05 1.39 -21.34
N ALA B 13 22.85 1.89 -21.08
CA ALA B 13 21.64 1.30 -21.63
C ALA B 13 21.31 1.80 -23.02
N THR B 14 21.70 3.05 -23.34
CA THR B 14 21.33 3.60 -24.66
C THR B 14 22.37 4.58 -25.08
N THR B 15 22.56 4.61 -26.43
CA THR B 15 23.31 5.67 -27.04
C THR B 15 22.55 6.90 -27.28
N ASP B 16 21.22 6.88 -27.01
CA ASP B 16 20.39 8.05 -27.32
C ASP B 16 20.52 9.10 -26.22
N LYS B 17 21.29 10.18 -26.28
CA LYS B 17 21.45 11.16 -25.27
C LYS B 17 20.20 11.96 -25.04
N ASN B 18 19.33 12.02 -26.09
CA ASN B 18 18.09 12.75 -25.93
C ASN B 18 17.13 11.97 -25.02
N LEU B 19 17.05 10.66 -25.21
CA LEU B 19 16.23 9.80 -24.36
C LEU B 19 16.75 9.89 -22.98
N ALA B 20 18.04 9.83 -22.76
CA ALA B 20 18.59 9.97 -21.43
C ALA B 20 18.25 11.29 -20.79
N ARG B 21 18.29 12.40 -21.50
CA ARG B 21 17.95 13.65 -20.96
C ARG B 21 16.49 13.68 -20.47
N LEU B 22 15.62 13.14 -21.30
CA LEU B 22 14.20 13.07 -20.94
C LEU B 22 14.01 12.29 -19.64
N LEU B 23 14.68 11.12 -19.55
CA LEU B 23 14.44 10.25 -18.38
C LEU B 23 15.02 10.91 -17.15
N VAL B 24 16.15 11.64 -17.23
CA VAL B 24 16.65 12.39 -16.09
C VAL B 24 15.72 13.53 -15.66
N CYS B 25 15.15 14.21 -16.64
CA CYS B 25 14.21 15.26 -16.31
C CYS B 25 12.97 14.74 -15.62
N MET B 26 12.51 13.57 -16.11
CA MET B 26 11.36 12.96 -15.46
C MET B 26 11.69 12.49 -14.06
N GLY B 27 12.88 11.99 -13.84
CA GLY B 27 13.27 11.59 -12.51
C GLY B 27 13.23 12.76 -11.53
N GLU B 28 13.57 13.95 -11.99
CA GLU B 28 13.47 15.10 -11.11
C GLU B 28 12.06 15.47 -10.81
N ALA B 29 11.15 15.31 -11.74
CA ALA B 29 9.72 15.50 -11.44
C ALA B 29 9.26 14.53 -10.42
N LEU B 30 9.65 13.25 -10.56
CA LEU B 30 9.28 12.23 -9.59
C LEU B 30 9.77 12.52 -8.19
N ARG B 31 11.03 12.97 -8.13
CA ARG B 31 11.60 13.38 -6.81
C ARG B 31 10.74 14.50 -6.18
N THR B 32 10.34 15.45 -6.96
CA THR B 32 9.52 16.53 -6.45
C THR B 32 8.14 16.10 -6.06
N ILE B 33 7.53 15.24 -6.87
CA ILE B 33 6.19 14.73 -6.55
C ILE B 33 6.25 13.98 -5.19
N ALA B 34 7.31 13.16 -4.98
CA ALA B 34 7.42 12.45 -3.76
C ALA B 34 7.39 13.33 -2.57
N PHE B 35 8.07 14.47 -2.66
CA PHE B 35 8.10 15.42 -1.62
C PHE B 35 6.75 16.08 -1.37
N LYS B 36 6.11 16.44 -2.49
CA LYS B 36 4.77 17.06 -2.41
C LYS B 36 3.76 16.17 -1.79
N VAL B 37 3.81 14.88 -2.05
CA VAL B 37 2.91 13.91 -1.39
C VAL B 37 3.23 13.78 0.08
N ARG B 38 4.55 13.66 0.37
CA ARG B 38 4.99 13.44 1.77
C ARG B 38 4.54 14.56 2.69
N THR B 39 4.49 15.77 2.20
CA THR B 39 4.18 16.95 2.96
C THR B 39 2.81 17.56 2.65
N ALA B 40 2.00 16.82 1.93
CA ALA B 40 0.69 17.40 1.54
C ALA B 40 -0.18 17.61 2.78
N SER B 41 -1.12 18.54 2.64
CA SER B 41 -2.17 18.80 3.65
C SER B 41 -3.43 18.13 3.22
N CYS B 42 -3.81 17.10 3.90
CA CYS B 42 -4.98 16.32 3.60
C CYS B 42 -6.14 16.80 4.45
N GLY B 43 -7.08 17.46 3.82
CA GLY B 43 -8.23 18.06 4.51
C GLY B 43 -9.49 17.31 4.24
N ALA B 44 -10.59 18.04 4.51
CA ALA B 44 -11.89 17.40 4.37
C ALA B 44 -12.10 16.82 2.95
N THR B 45 -11.67 17.56 1.93
CA THR B 45 -11.99 17.17 0.55
C THR B 45 -10.84 16.75 -0.38
N ALA B 46 -9.60 17.16 -0.06
CA ALA B 46 -8.49 16.90 -0.96
C ALA B 46 -7.20 16.88 -0.17
N CYS B 47 -6.15 16.33 -0.81
CA CYS B 47 -4.77 16.42 -0.32
C CYS B 47 -4.07 17.41 -1.22
N THR B 48 -3.55 18.47 -0.66
CA THR B 48 -3.03 19.62 -1.39
C THR B 48 -1.59 20.01 -1.10
N ASN B 49 -0.92 20.61 -2.05
CA ASN B 49 0.39 21.22 -1.79
C ASN B 49 0.64 22.33 -2.77
N THR B 50 1.79 22.93 -2.73
CA THR B 50 2.06 24.08 -3.54
C THR B 50 2.83 23.84 -4.78
N PHE B 51 2.55 24.63 -5.78
CA PHE B 51 3.23 24.61 -7.09
C PHE B 51 3.35 26.11 -7.40
N GLY B 52 4.54 26.66 -7.26
CA GLY B 52 4.75 28.11 -7.50
C GLY B 52 3.84 28.84 -6.51
N ASP B 53 3.00 29.67 -7.11
CA ASP B 53 2.05 30.51 -6.36
C ASP B 53 0.75 29.85 -6.04
N GLU B 54 0.48 28.63 -6.54
CA GLU B 54 -0.87 27.99 -6.47
C GLU B 54 -0.81 26.88 -5.37
N GLN B 55 -1.88 26.65 -4.70
CA GLN B 55 -2.14 25.35 -4.00
C GLN B 55 -3.05 24.54 -4.79
N LEU B 56 -2.71 23.27 -5.00
CA LEU B 56 -3.39 22.37 -5.99
C LEU B 56 -3.55 21.02 -5.28
N ALA B 57 -4.56 20.26 -5.59
CA ALA B 57 -4.62 18.87 -5.22
C ALA B 57 -3.42 18.11 -5.84
N VAL B 58 -2.92 17.12 -5.11
CA VAL B 58 -1.65 16.51 -5.52
C VAL B 58 -1.67 15.85 -6.92
N ASP B 59 -2.85 15.32 -7.33
CA ASP B 59 -2.80 14.81 -8.71
C ASP B 59 -2.55 15.86 -9.78
N MET B 60 -3.21 16.99 -9.59
N MET B 60 -3.22 16.99 -9.60
CA MET B 60 -3.05 18.14 -10.50
CA MET B 60 -3.03 18.14 -10.50
C MET B 60 -1.67 18.78 -10.36
C MET B 60 -1.68 18.78 -10.36
N LEU B 61 -1.15 18.81 -9.15
CA LEU B 61 0.20 19.25 -8.91
C LEU B 61 1.26 18.38 -9.66
N ALA B 62 1.06 17.04 -9.50
CA ALA B 62 1.93 16.10 -10.23
C ALA B 62 1.84 16.32 -11.74
N ASP B 63 0.60 16.53 -12.23
CA ASP B 63 0.38 16.79 -13.67
C ASP B 63 1.23 18.00 -14.10
N LYS B 64 1.14 19.09 -13.33
CA LYS B 64 1.92 20.29 -13.72
C LYS B 64 3.42 20.07 -13.67
N LEU B 65 3.91 19.33 -12.66
CA LEU B 65 5.33 19.03 -12.59
C LEU B 65 5.83 18.23 -13.77
N LEU B 66 5.01 17.27 -14.21
CA LEU B 66 5.44 16.40 -15.29
C LEU B 66 5.45 17.16 -16.64
N PHE B 67 4.39 17.95 -16.90
CA PHE B 67 4.45 18.79 -18.12
C PHE B 67 5.67 19.74 -18.04
N GLU B 68 5.93 20.32 -16.88
CA GLU B 68 7.06 21.22 -16.76
C GLU B 68 8.38 20.49 -17.06
N ALA B 69 8.56 19.27 -16.54
CA ALA B 69 9.75 18.50 -16.79
C ALA B 69 9.93 18.21 -18.26
N LEU B 70 8.83 17.89 -18.94
CA LEU B 70 8.91 17.62 -20.38
C LEU B 70 9.26 18.87 -21.18
N ARG B 71 8.68 19.99 -20.84
CA ARG B 71 9.08 21.21 -21.53
C ARG B 71 10.56 21.48 -21.24
N HIS B 72 11.00 21.34 -20.02
CA HIS B 72 12.39 21.63 -19.65
C HIS B 72 13.36 20.72 -20.35
N SER B 73 12.96 19.53 -20.75
CA SER B 73 13.84 18.59 -21.41
C SER B 73 14.27 19.02 -22.84
N HIS B 74 13.41 19.82 -23.48
CA HIS B 74 13.59 20.22 -24.85
C HIS B 74 13.49 19.13 -25.84
N VAL B 75 13.16 17.90 -25.48
CA VAL B 75 13.17 16.80 -26.36
C VAL B 75 11.80 16.11 -26.50
N CYS B 76 10.76 16.85 -26.06
CA CYS B 76 9.41 16.33 -26.16
C CYS B 76 8.58 17.25 -27.12
N LYS B 77 8.00 16.64 -28.11
CA LYS B 77 7.09 17.31 -29.00
C LYS B 77 5.73 17.36 -28.35
N TYR B 78 5.03 16.23 -28.21
CA TYR B 78 3.72 16.18 -27.57
C TYR B 78 3.74 15.43 -26.29
N ALA B 79 2.95 15.95 -25.34
CA ALA B 79 2.65 15.25 -24.08
C ALA B 79 1.17 15.11 -23.91
N CYS B 80 0.73 14.02 -23.26
CA CYS B 80 -0.69 13.79 -23.07
C CYS B 80 -0.80 13.20 -21.67
N SER B 81 -1.67 13.75 -20.88
CA SER B 81 -1.98 13.31 -19.54
C SER B 81 -3.35 12.65 -19.42
N GLU B 82 -3.48 11.60 -18.65
CA GLU B 82 -4.71 10.97 -18.45
C GLU B 82 -5.71 11.95 -17.84
N GLU B 83 -5.27 12.99 -17.20
CA GLU B 83 -6.21 13.95 -16.56
C GLU B 83 -6.95 14.72 -17.57
N GLU B 84 -6.38 14.96 -18.72
CA GLU B 84 -7.07 15.74 -19.81
C GLU B 84 -6.42 15.24 -21.08
N PRO B 85 -6.98 14.23 -21.68
CA PRO B 85 -6.27 13.47 -22.73
C PRO B 85 -6.20 14.05 -24.14
N ILE B 86 -5.80 15.31 -24.23
CA ILE B 86 -5.54 15.99 -25.49
C ILE B 86 -4.04 16.11 -25.63
N LEU B 87 -3.51 16.21 -26.82
CA LEU B 87 -2.09 16.43 -27.05
C LEU B 87 -1.73 17.83 -26.72
N GLN B 88 -0.67 18.08 -25.99
CA GLN B 88 -0.14 19.39 -25.69
C GLN B 88 1.29 19.52 -26.19
N ASP B 89 1.60 20.61 -26.86
CA ASP B 89 2.86 20.79 -27.50
C ASP B 89 3.86 21.27 -26.44
N MET B 90 4.91 20.52 -26.18
CA MET B 90 5.91 20.79 -25.20
C MET B 90 7.11 21.56 -25.73
N GLU B 91 7.03 21.97 -27.00
CA GLU B 91 7.95 22.93 -27.62
C GLU B 91 9.34 22.34 -27.82
N GLY B 92 9.45 21.02 -27.84
CA GLY B 92 10.65 20.33 -28.17
C GLY B 92 10.53 19.39 -29.32
N GLU B 93 11.52 18.55 -29.47
CA GLU B 93 11.57 17.60 -30.54
C GLU B 93 12.23 16.31 -30.12
N GLY B 94 11.65 15.20 -30.51
CA GLY B 94 12.28 13.95 -30.37
C GLY B 94 11.35 12.81 -29.96
N PHE B 95 10.58 13.09 -28.93
CA PHE B 95 9.68 12.09 -28.31
C PHE B 95 8.32 12.66 -28.01
N SER B 96 7.36 11.77 -27.88
CA SER B 96 6.04 12.16 -27.32
C SER B 96 5.82 11.25 -26.14
N VAL B 97 5.21 11.80 -25.09
CA VAL B 97 5.10 11.10 -23.80
C VAL B 97 3.67 11.14 -23.33
N ALA B 98 3.17 9.98 -22.88
CA ALA B 98 1.89 9.86 -22.25
C ALA B 98 2.09 9.49 -20.83
N PHE B 99 1.29 10.08 -19.94
CA PHE B 99 1.46 9.77 -18.52
C PHE B 99 0.14 9.80 -17.73
N ASP B 100 0.16 9.03 -16.63
CA ASP B 100 -0.87 9.05 -15.56
C ASP B 100 -0.16 9.65 -14.36
N PRO B 101 -0.49 10.90 -14.04
CA PRO B 101 0.39 11.65 -13.12
C PRO B 101 0.44 11.13 -11.70
N LEU B 102 -0.69 10.64 -11.20
CA LEU B 102 -0.73 10.16 -9.81
C LEU B 102 -1.81 9.14 -9.62
N ASP B 103 -1.44 7.92 -9.91
N ASP B 103 -1.52 7.93 -10.06
CA ASP B 103 -2.31 6.77 -9.81
CA ASP B 103 -2.39 6.77 -9.83
C ASP B 103 -2.51 6.52 -8.35
C ASP B 103 -2.50 6.54 -8.35
N GLY B 104 -3.76 6.47 -7.90
CA GLY B 104 -4.03 6.34 -6.51
C GLY B 104 -4.20 7.65 -5.78
N SER B 105 -4.19 8.82 -6.43
CA SER B 105 -4.30 10.08 -5.78
C SER B 105 -5.45 10.16 -4.79
N SER B 106 -6.58 9.53 -5.04
CA SER B 106 -7.69 9.72 -4.07
C SER B 106 -7.48 9.00 -2.78
N ILE B 107 -6.45 8.18 -2.65
CA ILE B 107 -6.14 7.50 -1.38
C ILE B 107 -4.83 7.96 -0.78
N VAL B 108 -4.28 9.08 -1.21
CA VAL B 108 -3.16 9.63 -0.50
C VAL B 108 -3.39 9.78 1.00
N ASP B 109 -4.57 10.24 1.40
CA ASP B 109 -4.93 10.42 2.77
C ASP B 109 -4.78 9.14 3.58
N THR B 110 -4.97 7.98 2.95
CA THR B 110 -4.82 6.69 3.66
C THR B 110 -3.40 6.29 3.88
N ASN B 111 -2.48 7.05 3.28
CA ASN B 111 -1.05 6.73 3.39
C ASN B 111 -0.71 5.42 2.75
N PHE B 112 -1.43 4.95 1.73
CA PHE B 112 -1.05 3.83 0.87
C PHE B 112 -0.11 4.36 -0.25
N THR B 113 0.75 3.48 -0.69
CA THR B 113 1.61 3.75 -1.82
C THR B 113 0.84 4.19 -3.04
N VAL B 114 1.33 5.22 -3.67
CA VAL B 114 0.77 5.76 -4.93
C VAL B 114 1.87 5.90 -5.95
N GLY B 115 1.61 6.31 -7.16
CA GLY B 115 2.65 6.34 -8.17
C GLY B 115 2.31 7.07 -9.44
N THR B 116 3.32 7.24 -10.28
CA THR B 116 3.22 7.90 -11.60
C THR B 116 3.60 6.85 -12.62
N ILE B 117 2.95 6.85 -13.77
N ILE B 117 2.97 6.85 -13.79
CA ILE B 117 3.28 5.96 -14.88
CA ILE B 117 3.42 5.98 -14.87
C ILE B 117 3.49 6.79 -16.14
C ILE B 117 3.49 6.78 -16.15
N PHE B 118 4.52 6.47 -16.94
CA PHE B 118 4.63 7.12 -18.25
C PHE B 118 5.31 6.25 -19.25
N GLY B 119 4.94 6.52 -20.52
CA GLY B 119 5.55 5.88 -21.68
C GLY B 119 6.11 6.93 -22.60
N VAL B 120 7.21 6.52 -23.27
CA VAL B 120 7.99 7.44 -24.13
C VAL B 120 8.05 6.86 -25.55
N TRP B 121 7.47 7.55 -26.53
CA TRP B 121 7.53 7.09 -27.95
C TRP B 121 8.35 8.04 -28.75
N PRO B 122 9.29 7.53 -29.59
CA PRO B 122 9.96 8.45 -30.58
C PRO B 122 8.89 9.09 -31.51
N GLY B 123 9.20 10.32 -31.88
CA GLY B 123 8.33 10.98 -32.88
C GLY B 123 7.23 11.83 -32.30
N ASP B 124 6.19 12.03 -33.08
CA ASP B 124 5.20 13.09 -32.83
C ASP B 124 3.78 12.56 -32.67
N LYS B 125 3.56 11.26 -32.56
N LYS B 125 3.62 11.25 -32.50
CA LYS B 125 2.22 10.79 -32.38
CA LYS B 125 2.34 10.60 -32.45
C LYS B 125 2.08 9.89 -31.18
C LYS B 125 2.10 9.87 -31.13
N LEU B 126 0.88 9.99 -30.63
CA LEU B 126 0.47 9.18 -29.48
C LEU B 126 -0.78 8.39 -29.78
N THR B 127 -1.18 8.37 -31.08
CA THR B 127 -2.23 7.50 -31.58
C THR B 127 -1.70 6.88 -32.90
N GLY B 128 -2.29 5.75 -33.23
CA GLY B 128 -1.82 4.90 -34.33
C GLY B 128 -0.55 4.17 -34.04
N ILE B 129 -0.11 4.27 -32.79
CA ILE B 129 1.07 3.57 -32.24
C ILE B 129 0.67 2.38 -31.42
N THR B 130 1.69 1.60 -31.09
CA THR B 130 1.59 0.47 -30.17
C THR B 130 2.62 0.61 -29.02
N GLY B 131 2.39 -0.11 -27.93
CA GLY B 131 3.32 -0.16 -26.81
C GLY B 131 4.66 -0.67 -27.20
N ARG B 132 4.71 -1.54 -28.21
CA ARG B 132 5.97 -2.09 -28.62
C ARG B 132 6.87 -1.03 -29.24
N ASP B 133 6.33 0.06 -29.74
CA ASP B 133 7.04 1.15 -30.32
C ASP B 133 7.70 2.10 -29.32
N GLN B 134 7.41 1.89 -28.00
CA GLN B 134 8.01 2.78 -26.98
C GLN B 134 9.50 2.67 -27.02
N ALA B 135 10.16 3.78 -26.83
CA ALA B 135 11.61 3.84 -26.52
C ALA B 135 11.91 3.41 -25.09
N ALA B 136 11.01 3.75 -24.18
CA ALA B 136 11.17 3.46 -22.73
C ALA B 136 9.84 3.61 -22.08
N SER B 137 9.73 3.06 -20.87
CA SER B 137 8.61 3.33 -20.02
C SER B 137 9.15 3.31 -18.58
N ALA B 138 8.34 3.89 -17.68
CA ALA B 138 8.79 3.99 -16.29
C ALA B 138 7.67 4.25 -15.35
N MET B 139 7.89 3.96 -14.07
CA MET B 139 6.96 4.37 -13.02
C MET B 139 7.79 5.00 -11.90
N GLY B 140 7.16 5.95 -11.26
CA GLY B 140 7.63 6.45 -9.96
C GLY B 140 6.72 5.92 -8.88
N ILE B 141 7.33 5.42 -7.83
CA ILE B 141 6.61 4.73 -6.76
C ILE B 141 6.85 5.49 -5.48
N TYR B 142 5.78 6.04 -4.93
CA TYR B 142 5.81 6.88 -3.70
C TYR B 142 5.30 6.05 -2.56
N GLY B 143 6.21 5.33 -1.89
CA GLY B 143 5.91 4.46 -0.75
C GLY B 143 6.74 4.88 0.41
N PRO B 144 6.94 3.95 1.36
CA PRO B 144 7.89 4.27 2.41
C PRO B 144 9.28 4.52 1.89
N ARG B 145 9.62 3.91 0.72
N ARG B 145 9.53 4.15 0.67
CA ARG B 145 10.82 4.28 -0.14
CA ARG B 145 10.70 4.59 -0.09
C ARG B 145 10.32 4.98 -1.40
C ARG B 145 10.21 5.28 -1.33
N THR B 146 11.11 5.90 -2.00
CA THR B 146 10.80 6.50 -3.30
C THR B 146 11.61 5.76 -4.36
N THR B 147 10.95 5.12 -5.32
CA THR B 147 11.67 4.42 -6.37
C THR B 147 11.25 4.86 -7.72
N TYR B 148 12.13 4.66 -8.70
CA TYR B 148 11.95 4.97 -10.16
C TYR B 148 12.28 3.71 -10.88
N VAL B 149 11.34 3.12 -11.59
CA VAL B 149 11.51 1.80 -12.21
C VAL B 149 11.46 2.06 -13.70
N VAL B 150 12.48 1.62 -14.41
CA VAL B 150 12.70 2.01 -15.82
C VAL B 150 12.92 0.76 -16.68
N ALA B 151 12.34 0.78 -17.84
CA ALA B 151 12.70 -0.17 -18.92
C ALA B 151 13.04 0.62 -20.15
N ILE B 152 14.21 0.25 -20.71
CA ILE B 152 14.64 0.79 -21.98
C ILE B 152 14.40 -0.31 -23.05
N ASN B 153 13.55 -0.04 -23.99
CA ASN B 153 13.16 -1.05 -24.99
C ASN B 153 14.44 -1.36 -25.80
N GLY B 154 14.70 -2.64 -25.86
CA GLY B 154 15.90 -3.09 -26.57
C GLY B 154 17.10 -3.32 -25.73
N PHE B 155 17.08 -2.95 -24.46
CA PHE B 155 18.15 -3.21 -23.53
C PHE B 155 17.62 -4.12 -22.45
N PRO B 156 18.35 -5.13 -22.00
CA PRO B 156 17.75 -6.07 -21.11
C PRO B 156 17.38 -5.55 -19.71
N GLY B 157 16.28 -6.09 -19.22
CA GLY B 157 15.88 -5.96 -17.82
C GLY B 157 15.00 -4.74 -17.55
N THR B 158 14.36 -4.83 -16.42
CA THR B 158 13.69 -3.69 -15.78
C THR B 158 14.43 -3.30 -14.58
N HIS B 159 14.68 -2.00 -14.38
CA HIS B 159 15.70 -1.49 -13.46
C HIS B 159 15.12 -0.56 -12.41
N GLU B 160 15.34 -0.87 -11.16
CA GLU B 160 14.85 -0.12 -10.06
C GLU B 160 15.91 0.80 -9.53
N PHE B 161 15.55 2.08 -9.32
CA PHE B 161 16.39 3.11 -8.75
C PHE B 161 15.75 3.56 -7.43
N LEU B 162 16.57 3.68 -6.41
CA LEU B 162 16.14 4.16 -5.09
C LEU B 162 16.56 5.59 -4.95
N LEU B 163 15.68 6.48 -4.44
CA LEU B 163 16.05 7.85 -4.16
C LEU B 163 16.77 7.86 -2.85
N MET B 164 18.04 8.33 -2.89
CA MET B 164 18.89 8.42 -1.68
C MET B 164 18.64 9.69 -1.00
N ASP B 165 19.21 9.77 0.21
CA ASP B 165 19.01 11.00 1.00
C ASP B 165 19.60 12.28 0.45
N ASP B 166 20.66 12.12 -0.40
CA ASP B 166 21.25 13.21 -1.09
C ASP B 166 20.48 13.66 -2.34
N GLY B 167 19.32 13.05 -2.58
CA GLY B 167 18.50 13.47 -3.65
C GLY B 167 18.86 12.81 -4.94
N LYS B 168 19.76 11.84 -4.97
CA LYS B 168 20.19 11.19 -6.17
C LYS B 168 19.60 9.78 -6.32
N TRP B 169 19.42 9.32 -7.55
CA TRP B 169 18.85 7.99 -7.86
C TRP B 169 19.92 6.96 -7.97
N GLN B 170 19.89 5.87 -7.25
CA GLN B 170 20.86 4.80 -7.31
C GLN B 170 20.24 3.53 -7.77
N HIS B 171 20.92 2.85 -8.75
CA HIS B 171 20.44 1.56 -9.28
C HIS B 171 20.52 0.49 -8.23
N VAL B 172 19.43 -0.12 -7.83
CA VAL B 172 19.40 -1.12 -6.75
C VAL B 172 18.87 -2.46 -7.14
N LYS B 173 18.27 -2.65 -8.33
CA LYS B 173 17.77 -4.01 -8.73
C LYS B 173 17.64 -4.02 -10.21
N GLU B 174 17.94 -5.15 -10.84
CA GLU B 174 17.62 -5.45 -12.22
C GLU B 174 16.80 -6.69 -12.17
N THR B 175 15.64 -6.74 -12.83
CA THR B 175 14.78 -7.91 -12.94
C THR B 175 14.77 -8.33 -14.40
N THR B 176 15.04 -9.67 -14.58
CA THR B 176 14.99 -10.29 -15.88
C THR B 176 14.17 -11.59 -15.97
N GLU B 177 13.68 -12.05 -14.83
CA GLU B 177 12.80 -13.20 -14.79
C GLU B 177 11.64 -13.01 -13.82
N ILE B 178 10.45 -13.45 -14.22
CA ILE B 178 9.25 -13.51 -13.41
C ILE B 178 8.85 -14.99 -13.36
N LYS B 179 8.96 -15.55 -12.16
CA LYS B 179 8.77 -17.00 -11.90
C LYS B 179 7.37 -17.26 -11.48
N GLU B 180 7.04 -18.56 -11.35
CA GLU B 180 5.77 -18.96 -10.89
C GLU B 180 5.65 -18.88 -9.39
N GLY B 181 4.54 -18.37 -8.91
CA GLY B 181 4.31 -18.22 -7.50
C GLY B 181 2.83 -18.31 -7.18
N LYS B 182 2.42 -17.90 -5.99
CA LYS B 182 1.09 -18.03 -5.50
C LYS B 182 0.57 -16.66 -4.95
N LEU B 183 0.61 -15.68 -5.81
CA LEU B 183 0.25 -14.25 -5.46
C LEU B 183 -0.72 -13.76 -6.56
N PHE B 184 -1.84 -13.13 -6.17
CA PHE B 184 -2.73 -12.56 -7.14
C PHE B 184 -3.13 -11.15 -6.67
N SER B 185 -3.45 -10.33 -7.64
CA SER B 185 -3.85 -8.95 -7.44
C SER B 185 -5.04 -8.65 -8.33
N PRO B 186 -6.29 -8.84 -7.88
CA PRO B 186 -7.45 -8.86 -8.74
C PRO B 186 -8.16 -7.51 -8.77
N GLY B 187 -7.97 -6.80 -9.85
CA GLY B 187 -8.67 -5.57 -10.08
C GLY B 187 -10.10 -5.80 -10.56
N ASN B 188 -11.00 -4.87 -10.20
CA ASN B 188 -12.38 -4.97 -10.63
C ASN B 188 -13.06 -6.26 -10.17
N LEU B 189 -12.77 -6.67 -8.97
CA LEU B 189 -13.30 -7.96 -8.47
C LEU B 189 -14.81 -8.01 -8.55
N ARG B 190 -15.46 -6.85 -8.48
CA ARG B 190 -16.92 -6.79 -8.64
C ARG B 190 -17.40 -7.45 -9.94
N ALA B 191 -16.57 -7.48 -10.98
CA ALA B 191 -16.94 -8.10 -12.23
C ALA B 191 -17.18 -9.62 -12.11
N THR B 192 -16.65 -10.24 -11.05
CA THR B 192 -16.93 -11.69 -10.85
C THR B 192 -18.39 -11.94 -10.57
N PHE B 193 -19.12 -10.94 -10.18
CA PHE B 193 -20.58 -11.11 -9.98
C PHE B 193 -21.29 -11.50 -11.23
N ASP B 194 -20.86 -10.96 -12.37
CA ASP B 194 -21.55 -11.20 -13.61
C ASP B 194 -20.63 -11.48 -14.83
N ASN B 195 -19.40 -11.85 -14.55
CA ASN B 195 -18.49 -12.38 -15.57
C ASN B 195 -18.02 -13.74 -14.99
N ALA B 196 -18.70 -14.83 -15.44
CA ALA B 196 -18.45 -16.15 -14.89
C ALA B 196 -17.03 -16.64 -15.18
N ASP B 197 -16.40 -16.18 -16.24
CA ASP B 197 -14.99 -16.58 -16.46
C ASP B 197 -14.01 -15.98 -15.45
N TYR B 198 -14.24 -14.72 -15.11
CA TYR B 198 -13.42 -14.14 -14.06
C TYR B 198 -13.71 -14.72 -12.70
N GLU B 199 -14.97 -15.05 -12.40
CA GLU B 199 -15.27 -15.77 -11.21
C GLU B 199 -14.47 -17.06 -11.10
N LYS B 200 -14.42 -17.81 -12.21
CA LYS B 200 -13.70 -19.08 -12.18
C LYS B 200 -12.23 -18.93 -11.92
N LEU B 201 -11.66 -17.90 -12.52
CA LEU B 201 -10.27 -17.61 -12.34
C LEU B 201 -9.90 -17.31 -10.86
N ILE B 202 -10.73 -16.43 -10.23
CA ILE B 202 -10.54 -16.17 -8.84
C ILE B 202 -10.74 -17.39 -7.97
N ASN B 203 -11.75 -18.21 -8.27
N ASN B 203 -11.76 -18.16 -8.30
CA ASN B 203 -11.87 -19.56 -7.62
CA ASN B 203 -11.93 -19.41 -7.61
C ASN B 203 -10.60 -20.36 -7.65
C ASN B 203 -10.69 -20.35 -7.68
N TYR B 204 -9.98 -20.35 -8.80
CA TYR B 204 -8.75 -21.07 -8.96
C TYR B 204 -7.73 -20.60 -7.91
N TYR B 205 -7.49 -19.27 -7.93
CA TYR B 205 -6.47 -18.74 -7.01
C TYR B 205 -6.79 -19.05 -5.54
N VAL B 206 -8.03 -18.89 -5.15
CA VAL B 206 -8.52 -19.20 -3.77
C VAL B 206 -8.35 -20.69 -3.47
N SER B 207 -8.66 -21.53 -4.48
CA SER B 207 -8.45 -22.99 -4.27
C SER B 207 -7.03 -23.41 -4.07
N GLU B 208 -6.09 -22.65 -4.60
CA GLU B 208 -4.68 -22.87 -4.49
C GLU B 208 -4.01 -22.10 -3.30
N LYS B 209 -4.88 -21.43 -2.56
CA LYS B 209 -4.51 -20.74 -1.30
C LYS B 209 -3.57 -19.61 -1.57
N TYR B 210 -3.74 -18.93 -2.70
CA TYR B 210 -2.88 -17.81 -3.07
C TYR B 210 -3.06 -16.64 -2.04
N THR B 211 -1.94 -15.90 -1.94
CA THR B 211 -1.84 -14.66 -1.16
C THR B 211 -2.48 -13.55 -2.01
N LEU B 212 -3.36 -12.72 -1.43
CA LEU B 212 -4.02 -11.56 -2.08
C LEU B 212 -3.28 -10.27 -1.79
N ARG B 213 -2.92 -9.47 -2.77
N ARG B 213 -3.00 -9.46 -2.78
CA ARG B 213 -2.36 -8.14 -2.49
CA ARG B 213 -2.40 -8.16 -2.56
C ARG B 213 -2.84 -7.17 -3.58
C ARG B 213 -2.90 -7.19 -3.60
N TYR B 214 -3.77 -6.29 -3.24
CA TYR B 214 -4.35 -5.37 -4.20
C TYR B 214 -4.80 -4.10 -3.50
N THR B 215 -4.37 -2.95 -4.00
CA THR B 215 -4.79 -1.64 -3.45
C THR B 215 -5.44 -0.70 -4.37
N GLY B 216 -5.87 -1.12 -5.53
CA GLY B 216 -6.60 -0.31 -6.46
C GLY B 216 -5.70 0.43 -7.39
N GLY B 217 -4.40 0.43 -7.07
CA GLY B 217 -3.42 1.38 -7.63
C GLY B 217 -2.60 0.51 -8.56
N MET B 218 -2.74 0.67 -9.90
N MET B 218 -2.76 0.65 -9.93
CA MET B 218 -1.95 -0.14 -10.82
CA MET B 218 -1.96 -0.16 -10.88
C MET B 218 -0.51 -0.12 -10.48
C MET B 218 -0.51 -0.13 -10.48
N VAL B 219 0.05 1.00 -10.03
CA VAL B 219 1.50 1.04 -9.79
C VAL B 219 1.98 0.11 -8.78
N PRO B 220 1.62 0.16 -7.51
CA PRO B 220 2.16 -0.77 -6.61
C PRO B 220 1.71 -2.18 -6.94
N ASP B 221 0.47 -2.33 -7.48
CA ASP B 221 -0.02 -3.67 -7.67
C ASP B 221 0.77 -4.41 -8.71
N VAL B 222 1.31 -3.75 -9.74
CA VAL B 222 2.08 -4.32 -10.75
C VAL B 222 3.54 -4.33 -10.40
N ASN B 223 4.03 -3.30 -9.71
CA ASN B 223 5.39 -3.26 -9.29
C ASN B 223 5.74 -4.44 -8.43
N GLN B 224 4.83 -4.91 -7.59
CA GLN B 224 5.14 -5.99 -6.71
C GLN B 224 5.54 -7.24 -7.49
N ILE B 225 5.00 -7.42 -8.67
CA ILE B 225 5.39 -8.55 -9.51
C ILE B 225 6.76 -8.50 -9.93
N ILE B 226 7.24 -7.36 -10.30
CA ILE B 226 8.62 -7.14 -10.71
C ILE B 226 9.56 -7.32 -9.56
N VAL B 227 9.20 -6.77 -8.40
CA VAL B 227 10.06 -6.89 -7.23
C VAL B 227 10.15 -8.33 -6.69
N LYS B 228 9.01 -8.98 -6.55
CA LYS B 228 9.00 -10.37 -6.01
C LYS B 228 9.31 -11.35 -7.07
N GLU B 229 9.26 -10.99 -8.35
CA GLU B 229 9.54 -11.96 -9.44
C GLU B 229 8.51 -13.04 -9.46
N ARG B 230 7.26 -12.69 -9.25
CA ARG B 230 6.18 -13.66 -9.28
C ARG B 230 4.87 -12.91 -9.15
N GLY B 231 3.80 -13.60 -9.51
CA GLY B 231 2.48 -13.07 -9.32
C GLY B 231 1.68 -12.84 -10.56
N ILE B 232 0.39 -12.55 -10.38
CA ILE B 232 -0.47 -12.17 -11.46
C ILE B 232 -1.47 -11.07 -11.06
N PHE B 233 -1.43 -9.99 -11.85
CA PHE B 233 -2.42 -8.90 -11.78
C PHE B 233 -3.45 -9.10 -12.85
N THR B 234 -4.73 -8.92 -12.53
CA THR B 234 -5.76 -8.96 -13.52
C THR B 234 -6.73 -7.83 -13.41
N ASN B 235 -7.34 -7.39 -14.51
CA ASN B 235 -8.49 -6.47 -14.47
C ASN B 235 -9.37 -6.81 -15.66
N VAL B 236 -10.55 -7.34 -15.36
CA VAL B 236 -11.44 -7.90 -16.36
C VAL B 236 -12.75 -7.17 -16.18
N THR B 237 -13.38 -6.88 -17.33
CA THR B 237 -14.65 -6.17 -17.39
C THR B 237 -15.89 -7.15 -17.32
N SER B 238 -17.06 -6.64 -16.99
CA SER B 238 -18.30 -7.40 -17.13
C SER B 238 -19.30 -6.51 -17.89
N PRO B 239 -20.45 -7.07 -18.26
CA PRO B 239 -21.48 -6.21 -18.87
C PRO B 239 -21.91 -4.97 -18.05
N THR B 240 -21.97 -5.08 -16.73
CA THR B 240 -22.35 -3.96 -15.86
C THR B 240 -21.17 -3.14 -15.32
N THR B 241 -19.93 -3.46 -15.72
CA THR B 241 -18.77 -2.69 -15.26
C THR B 241 -18.00 -2.13 -16.49
N LYS B 242 -17.48 -0.92 -16.36
CA LYS B 242 -16.68 -0.35 -17.45
C LYS B 242 -15.24 -0.82 -17.28
N ALA B 243 -14.51 -0.68 -18.38
CA ALA B 243 -13.03 -0.75 -18.36
C ALA B 243 -12.38 0.59 -17.97
N LYS B 244 -11.75 0.61 -16.83
CA LYS B 244 -11.21 1.84 -16.29
C LYS B 244 -9.78 2.04 -16.77
N LEU B 245 -9.04 0.98 -17.11
CA LEU B 245 -7.64 1.16 -17.37
C LEU B 245 -7.39 1.64 -18.74
N ARG B 246 -6.57 2.68 -18.89
CA ARG B 246 -6.27 3.23 -20.16
C ARG B 246 -5.07 2.57 -20.84
N LEU B 247 -5.17 2.25 -22.13
CA LEU B 247 -4.10 1.64 -22.85
C LEU B 247 -2.87 2.55 -22.95
N LEU B 248 -3.08 3.78 -23.33
CA LEU B 248 -1.93 4.67 -23.64
C LEU B 248 -1.19 5.05 -22.36
N PHE B 249 -1.92 5.48 -21.34
CA PHE B 249 -1.29 6.15 -20.16
C PHE B 249 -0.77 5.16 -19.20
N GLU B 250 -1.32 3.96 -19.12
CA GLU B 250 -1.07 2.99 -18.05
C GLU B 250 -0.69 1.64 -18.55
N VAL B 251 -1.54 1.03 -19.42
CA VAL B 251 -1.38 -0.38 -19.68
C VAL B 251 -0.19 -0.65 -20.61
N ALA B 252 -0.01 0.11 -21.68
CA ALA B 252 1.15 -0.11 -22.54
C ALA B 252 2.47 0.18 -21.81
N PRO B 253 2.55 1.32 -21.07
CA PRO B 253 3.80 1.53 -20.29
C PRO B 253 4.14 0.38 -19.38
N LEU B 254 3.13 -0.07 -18.61
CA LEU B 254 3.37 -1.14 -17.65
C LEU B 254 3.65 -2.45 -18.38
N GLY B 255 3.08 -2.65 -19.57
CA GLY B 255 3.42 -3.82 -20.37
C GLY B 255 4.88 -3.93 -20.69
N LEU B 256 5.48 -2.80 -21.07
CA LEU B 256 6.92 -2.81 -21.35
C LEU B 256 7.75 -3.12 -20.09
N LEU B 257 7.37 -2.52 -18.95
CA LEU B 257 8.04 -2.85 -17.66
C LEU B 257 7.98 -4.33 -17.34
N ILE B 258 6.78 -4.91 -17.50
CA ILE B 258 6.61 -6.33 -17.17
C ILE B 258 7.31 -7.25 -18.18
N GLU B 259 7.23 -6.93 -19.46
CA GLU B 259 7.85 -7.83 -20.44
C GLU B 259 9.34 -7.71 -20.44
N ASN B 260 9.93 -6.51 -20.18
CA ASN B 260 11.35 -6.40 -20.01
C ASN B 260 11.87 -7.14 -18.76
N ALA B 261 10.99 -7.32 -17.76
CA ALA B 261 11.33 -8.02 -16.58
C ALA B 261 11.23 -9.55 -16.73
N GLY B 262 10.91 -9.98 -17.91
CA GLY B 262 10.71 -11.45 -18.10
C GLY B 262 9.34 -11.97 -17.83
N GLY B 263 8.38 -11.12 -17.65
CA GLY B 263 6.99 -11.51 -17.56
C GLY B 263 6.27 -11.32 -18.87
N TYR B 264 4.95 -11.51 -18.73
CA TYR B 264 4.06 -11.44 -19.85
C TYR B 264 2.82 -10.59 -19.57
N SER B 265 2.27 -10.00 -20.62
CA SER B 265 1.04 -9.24 -20.55
C SER B 265 0.03 -9.80 -21.53
N SER B 266 -1.22 -9.48 -21.31
CA SER B 266 -2.28 -9.98 -22.18
C SER B 266 -3.48 -9.13 -22.04
N ASP B 267 -4.20 -8.91 -23.14
CA ASP B 267 -5.59 -8.42 -23.11
C ASP B 267 -6.60 -9.62 -23.22
N GLY B 268 -6.06 -10.81 -23.14
CA GLY B 268 -6.82 -12.07 -23.39
C GLY B 268 -6.35 -12.78 -24.64
N LYS B 269 -5.89 -12.02 -25.62
CA LYS B 269 -5.47 -12.56 -26.91
C LYS B 269 -4.08 -12.26 -27.35
N GLN B 270 -3.50 -11.13 -26.91
CA GLN B 270 -2.23 -10.71 -27.43
C GLN B 270 -1.53 -9.92 -26.31
N SER B 271 -0.25 -9.78 -26.45
CA SER B 271 0.50 -8.79 -25.63
C SER B 271 -0.18 -7.49 -25.71
N VAL B 272 -0.22 -6.75 -24.58
CA VAL B 272 -0.77 -5.37 -24.66
C VAL B 272 0.10 -4.47 -25.47
N LEU B 273 1.35 -4.88 -25.72
CA LEU B 273 2.30 -4.09 -26.51
C LEU B 273 1.98 -4.10 -28.03
N ASP B 274 1.07 -5.02 -28.40
CA ASP B 274 0.66 -5.06 -29.82
C ASP B 274 -0.67 -4.42 -30.11
N LYS B 275 -1.35 -3.81 -29.14
CA LYS B 275 -2.60 -3.13 -29.36
C LYS B 275 -2.44 -1.74 -29.89
N VAL B 276 -3.09 -1.35 -30.96
CA VAL B 276 -2.96 -0.03 -31.47
C VAL B 276 -3.81 0.93 -30.61
N VAL B 277 -3.22 2.07 -30.24
CA VAL B 277 -3.96 3.10 -29.59
C VAL B 277 -4.66 3.90 -30.66
N VAL B 278 -5.95 3.74 -30.72
CA VAL B 278 -6.71 4.45 -31.78
C VAL B 278 -7.06 5.87 -31.34
N ASN B 279 -7.53 5.97 -30.12
CA ASN B 279 -7.87 7.23 -29.44
C ASN B 279 -7.12 7.26 -28.10
N THR B 280 -6.73 8.45 -27.71
CA THR B 280 -5.90 8.59 -26.48
C THR B 280 -6.55 8.00 -25.26
N ASP B 281 -7.86 8.04 -25.12
CA ASP B 281 -8.48 7.54 -23.88
C ASP B 281 -9.03 6.08 -24.03
N ASP B 282 -8.59 5.36 -25.05
CA ASP B 282 -8.96 3.94 -25.21
C ASP B 282 -8.68 3.13 -23.94
N ARG B 283 -9.59 2.21 -23.64
CA ARG B 283 -9.52 1.36 -22.43
C ARG B 283 -9.29 -0.09 -22.82
N THR B 284 -8.79 -0.87 -21.89
CA THR B 284 -8.56 -2.31 -22.08
C THR B 284 -8.60 -3.09 -20.79
N GLN B 285 -9.06 -4.33 -20.87
CA GLN B 285 -8.76 -5.30 -19.83
C GLN B 285 -7.30 -5.73 -20.00
N VAL B 286 -6.75 -6.30 -18.92
CA VAL B 286 -5.36 -6.66 -18.89
C VAL B 286 -5.03 -7.67 -17.83
N ALA B 287 -3.97 -8.43 -18.09
CA ALA B 287 -3.31 -9.21 -17.04
C ALA B 287 -1.81 -9.02 -17.25
N TYR B 288 -1.07 -9.09 -16.14
CA TYR B 288 0.36 -9.12 -16.16
C TYR B 288 0.87 -10.17 -15.21
N GLY B 289 1.85 -10.95 -15.61
CA GLY B 289 2.35 -11.94 -14.67
C GLY B 289 3.28 -12.90 -15.29
N SER B 290 3.46 -13.99 -14.56
CA SER B 290 4.32 -15.05 -15.02
C SER B 290 3.69 -15.83 -16.16
N ARG B 291 4.53 -16.50 -16.93
CA ARG B 291 4.12 -17.34 -18.03
C ARG B 291 2.87 -18.17 -17.77
N ASP B 292 2.94 -19.03 -16.75
CA ASP B 292 1.81 -19.98 -16.60
C ASP B 292 0.55 -19.27 -16.20
N GLU B 293 0.66 -18.18 -15.43
CA GLU B 293 -0.51 -17.45 -15.04
C GLU B 293 -1.16 -16.75 -16.22
N ILE B 294 -0.39 -16.22 -17.11
CA ILE B 294 -0.92 -15.60 -18.28
C ILE B 294 -1.57 -16.65 -19.27
N ILE B 295 -0.90 -17.80 -19.37
CA ILE B 295 -1.56 -18.88 -20.17
C ILE B 295 -2.89 -19.20 -19.54
N ARG B 296 -2.94 -19.37 -18.25
CA ARG B 296 -4.24 -19.66 -17.59
C ARG B 296 -5.29 -18.62 -17.81
N PHE B 297 -4.90 -17.33 -17.67
CA PHE B 297 -5.80 -16.21 -17.92
C PHE B 297 -6.40 -16.31 -19.33
N GLU B 298 -5.53 -16.49 -20.31
CA GLU B 298 -6.00 -16.55 -21.71
C GLU B 298 -6.96 -17.78 -21.90
N GLU B 299 -6.53 -18.91 -21.36
CA GLU B 299 -7.45 -20.12 -21.49
C GLU B 299 -8.73 -19.94 -20.78
N THR B 300 -8.75 -19.26 -19.66
CA THR B 300 -9.96 -19.03 -18.93
C THR B 300 -10.91 -18.18 -19.75
N LEU B 301 -10.41 -17.21 -20.46
CA LEU B 301 -11.27 -16.30 -21.24
C LEU B 301 -11.67 -16.86 -22.60
N TYR B 302 -10.83 -17.67 -23.20
CA TYR B 302 -11.06 -18.17 -24.58
C TYR B 302 -10.88 -19.64 -24.83
N GLY B 303 -10.41 -20.40 -23.87
CA GLY B 303 -10.08 -21.83 -24.06
C GLY B 303 -8.69 -22.07 -24.56
N ASP B 304 -8.25 -21.31 -25.56
CA ASP B 304 -6.87 -21.37 -26.00
C ASP B 304 -6.11 -20.10 -25.64
N SER B 305 -4.85 -20.32 -25.43
CA SER B 305 -3.87 -19.24 -25.16
C SER B 305 -2.92 -18.99 -26.33
N ARG B 306 -3.00 -17.78 -26.90
CA ARG B 306 -2.10 -17.39 -27.96
C ARG B 306 -0.71 -17.33 -27.42
N LEU B 307 -0.51 -16.97 -26.15
CA LEU B 307 0.83 -17.04 -25.59
C LEU B 307 1.44 -18.47 -25.62
N LYS B 308 0.66 -19.44 -25.15
CA LYS B 308 1.13 -20.81 -25.17
C LYS B 308 1.59 -21.23 -26.60
N ALA B 309 0.78 -20.87 -27.57
CA ALA B 309 1.11 -21.22 -29.02
C ALA B 309 2.39 -20.52 -29.43
N GLU B 310 2.55 -19.24 -29.03
CA GLU B 310 3.77 -18.52 -29.40
C GLU B 310 5.03 -19.12 -28.82
N LEU B 311 4.96 -19.53 -27.58
CA LEU B 311 6.10 -20.09 -26.88
C LEU B 311 6.42 -21.46 -27.53
N ALA B 312 5.38 -22.22 -27.91
CA ALA B 312 5.59 -23.50 -28.64
C ALA B 312 6.26 -23.27 -30.00
N ALA B 313 5.70 -22.37 -30.81
CA ALA B 313 6.20 -22.08 -32.15
C ALA B 313 7.67 -21.67 -32.17
N THR B 314 8.17 -21.10 -31.08
CA THR B 314 9.61 -20.85 -30.97
C THR B 314 10.38 -22.09 -30.49
N VAL B 315 9.79 -22.86 -29.57
CA VAL B 315 10.37 -24.15 -29.13
C VAL B 315 9.73 -25.34 -29.90
#